data_2RBE
#
_entry.id   2RBE
#
_cell.length_a   48.906
_cell.length_b   138.660
_cell.length_c   155.827
_cell.angle_alpha   90.00
_cell.angle_beta   90.00
_cell.angle_gamma   90.00
#
_symmetry.space_group_name_H-M   'P 21 21 21'
#
loop_
_entity.id
_entity.type
_entity.pdbx_description
1 polymer 'Corticosteroid 11-beta-dehydrogenase isozyme 1'
2 non-polymer (5R)-2-[(2-fluorophenyl)amino]-5-(1-methylethyl)-1,3-thiazol-4(5H)-one
3 non-polymer 'NADPH DIHYDRO-NICOTINAMIDE-ADENINE-DINUCLEOTIDE PHOSPHATE'
4 water water
#
_entity_poly.entity_id   1
_entity_poly.type   'polypeptide(L)'
_entity_poly.pdbx_seq_one_letter_code
;MHHHHHHEEFRPEMLQGKKVIVTGASKGIGREMAYHLAKMGAHVVVTARSKETLQKVVSHCLELGAASAHYIAGTMEDMT
FAEQFVAQAGKLMGGLDMLILNHITNTSLNLFHDDIHHVRKSMEVNFLSYVVLTVAALPMLKQSNGSIVVVSSLAGKVAY
PMVAAYSASKFALDGFFSSIRKEYSVSRVNVSITLCVLGLIDTETAMKAVSGIVHMQAAPKEECALEIIKGGALRQEEVY
YDSSLWTTLLIRNPSRKILEFLYSTSYNMDRFINK
;
_entity_poly.pdbx_strand_id   A,B,C,D
#
loop_
_chem_comp.id
_chem_comp.type
_chem_comp.name
_chem_comp.formula
NDP non-polymer 'NADPH DIHYDRO-NICOTINAMIDE-ADENINE-DINUCLEOTIDE PHOSPHATE' 'C21 H30 N7 O17 P3'
ZMG non-polymer (5R)-2-[(2-fluorophenyl)amino]-5-(1-methylethyl)-1,3-thiazol-4(5H)-one 'C12 H13 F N2 O S'
#
# COMPACT_ATOMS: atom_id res chain seq x y z
N GLU A 8 -5.29 36.91 7.30
CA GLU A 8 -5.13 36.48 5.88
C GLU A 8 -6.33 36.88 5.03
N GLU A 9 -6.13 37.85 4.15
CA GLU A 9 -7.18 38.36 3.27
C GLU A 9 -7.08 37.74 1.88
N PHE A 10 -8.20 37.22 1.39
CA PHE A 10 -8.23 36.62 0.06
C PHE A 10 -8.19 37.67 -1.03
N ARG A 11 -7.44 37.37 -2.09
CA ARG A 11 -7.29 38.27 -3.23
C ARG A 11 -7.44 37.45 -4.50
N PRO A 12 -8.15 37.99 -5.50
CA PRO A 12 -8.33 37.24 -6.74
C PRO A 12 -7.00 36.95 -7.42
N GLU A 13 -6.01 37.82 -7.15
CA GLU A 13 -4.68 37.66 -7.72
C GLU A 13 -4.00 36.38 -7.26
N MET A 14 -4.37 35.90 -6.08
CA MET A 14 -3.79 34.68 -5.53
C MET A 14 -3.78 33.55 -6.55
N LEU A 15 -4.78 33.52 -7.42
CA LEU A 15 -4.87 32.50 -8.45
C LEU A 15 -4.65 33.11 -9.83
N GLN A 16 -3.59 32.67 -10.51
CA GLN A 16 -3.28 33.16 -11.85
C GLN A 16 -2.37 32.16 -12.54
N GLY A 17 -1.18 31.97 -12.00
CA GLY A 17 -0.26 31.01 -12.58
C GLY A 17 -0.47 29.67 -11.90
N LYS A 18 -1.62 29.55 -11.25
CA LYS A 18 -1.98 28.33 -10.52
C LYS A 18 -2.60 27.26 -11.41
N LYS A 19 -2.12 26.04 -11.26
CA LYS A 19 -2.60 24.89 -12.03
C LYS A 19 -3.59 24.12 -11.14
N VAL A 20 -4.85 24.06 -11.57
CA VAL A 20 -5.86 23.38 -10.77
C VAL A 20 -6.70 22.35 -11.51
N ILE A 21 -7.04 21.29 -10.78
CA ILE A 21 -7.87 20.21 -11.30
C ILE A 21 -9.23 20.31 -10.62
N VAL A 22 -10.30 20.11 -11.40
CA VAL A 22 -11.65 20.16 -10.87
C VAL A 22 -12.44 18.98 -11.38
N THR A 23 -12.79 18.06 -10.49
CA THR A 23 -13.58 16.89 -10.86
C THR A 23 -15.05 17.23 -10.80
N GLY A 24 -15.86 16.47 -11.53
CA GLY A 24 -17.29 16.73 -11.56
C GLY A 24 -17.54 18.18 -11.94
N ALA A 25 -16.84 18.64 -12.99
CA ALA A 25 -16.95 20.02 -13.43
C ALA A 25 -17.77 20.23 -14.69
N SER A 26 -18.50 19.20 -15.12
CA SER A 26 -19.31 19.34 -16.32
C SER A 26 -20.59 20.11 -16.01
N LYS A 27 -20.92 20.20 -14.72
CA LYS A 27 -22.13 20.91 -14.29
C LYS A 27 -22.11 21.25 -12.80
N GLY A 28 -23.20 21.87 -12.33
CA GLY A 28 -23.31 22.23 -10.93
C GLY A 28 -22.19 23.06 -10.36
N ILE A 29 -21.84 22.78 -9.11
CA ILE A 29 -20.79 23.50 -8.41
C ILE A 29 -19.43 23.37 -9.09
N GLY A 30 -19.13 22.17 -9.59
CA GLY A 30 -17.85 21.96 -10.26
C GLY A 30 -17.71 22.87 -11.47
N ARG A 31 -18.77 22.96 -12.25
CA ARG A 31 -18.80 23.80 -13.44
C ARG A 31 -18.54 25.25 -13.03
N GLU A 32 -19.29 25.74 -12.06
CA GLU A 32 -19.14 27.10 -11.58
C GLU A 32 -17.73 27.40 -11.09
N MET A 33 -17.10 26.45 -10.41
CA MET A 33 -15.75 26.68 -9.92
C MET A 33 -14.80 26.83 -11.10
N ALA A 34 -15.00 26.04 -12.14
CA ALA A 34 -14.16 26.12 -13.33
C ALA A 34 -14.19 27.54 -13.90
N TYR A 35 -15.40 28.08 -14.06
CA TYR A 35 -15.56 29.42 -14.59
C TYR A 35 -14.89 30.46 -13.70
N HIS A 36 -15.14 30.38 -12.39
CA HIS A 36 -14.55 31.30 -11.44
C HIS A 36 -13.03 31.27 -11.54
N LEU A 37 -12.47 30.06 -11.65
CA LEU A 37 -11.02 29.90 -11.76
C LEU A 37 -10.54 30.49 -13.07
N ALA A 38 -11.30 30.26 -14.14
CA ALA A 38 -10.95 30.78 -15.46
C ALA A 38 -10.92 32.29 -15.43
N LYS A 39 -11.93 32.90 -14.79
CA LYS A 39 -12.01 34.34 -14.67
C LYS A 39 -10.79 34.86 -13.92
N MET A 40 -10.20 33.98 -13.11
CA MET A 40 -9.01 34.34 -12.34
C MET A 40 -7.77 34.04 -13.18
N GLY A 41 -8.00 33.57 -14.40
CA GLY A 41 -6.92 33.26 -15.31
C GLY A 41 -5.93 32.22 -14.82
N ALA A 42 -6.43 31.05 -14.46
CA ALA A 42 -5.57 29.97 -13.99
C ALA A 42 -5.64 28.82 -14.97
N HIS A 43 -4.72 27.86 -14.83
CA HIS A 43 -4.71 26.69 -15.70
C HIS A 43 -5.71 25.71 -15.08
N VAL A 44 -6.56 25.13 -15.92
CA VAL A 44 -7.57 24.21 -15.42
C VAL A 44 -7.77 22.95 -16.26
N VAL A 45 -7.99 21.83 -15.58
CA VAL A 45 -8.25 20.55 -16.22
C VAL A 45 -9.51 20.00 -15.57
N VAL A 46 -10.62 20.10 -16.28
CA VAL A 46 -11.89 19.63 -15.77
C VAL A 46 -12.18 18.20 -16.22
N THR A 47 -12.87 17.44 -15.39
CA THR A 47 -13.20 16.08 -15.73
C THR A 47 -14.61 15.71 -15.29
N ALA A 48 -15.13 14.68 -15.94
CA ALA A 48 -16.46 14.14 -15.69
C ALA A 48 -16.58 12.98 -16.67
N ARG A 49 -17.79 12.46 -16.88
CA ARG A 49 -17.95 11.36 -17.82
C ARG A 49 -18.36 11.86 -19.20
N SER A 50 -19.29 12.82 -19.23
CA SER A 50 -19.80 13.37 -20.49
C SER A 50 -18.78 14.22 -21.24
N LYS A 51 -18.28 13.69 -22.35
CA LYS A 51 -17.29 14.38 -23.17
C LYS A 51 -17.76 15.71 -23.77
N GLU A 52 -18.94 15.71 -24.38
CA GLU A 52 -19.46 16.91 -25.00
C GLU A 52 -19.67 18.08 -24.03
N THR A 53 -20.46 17.87 -22.99
CA THR A 53 -20.73 18.91 -22.02
C THR A 53 -19.43 19.47 -21.44
N LEU A 54 -18.37 18.65 -21.44
CA LEU A 54 -17.08 19.07 -20.93
C LEU A 54 -16.38 19.99 -21.92
N GLN A 55 -16.64 19.78 -23.20
CA GLN A 55 -16.03 20.60 -24.24
C GLN A 55 -16.62 22.01 -24.13
N LYS A 56 -17.91 22.07 -23.83
CA LYS A 56 -18.61 23.35 -23.69
C LYS A 56 -18.08 24.20 -22.53
N VAL A 57 -17.66 23.55 -21.45
CA VAL A 57 -17.15 24.29 -20.29
C VAL A 57 -15.71 24.77 -20.54
N VAL A 58 -14.93 23.94 -21.22
CA VAL A 58 -13.54 24.30 -21.52
C VAL A 58 -13.50 25.55 -22.40
N SER A 59 -14.24 25.52 -23.50
CA SER A 59 -14.30 26.63 -24.43
C SER A 59 -14.74 27.90 -23.70
N HIS A 60 -15.76 27.76 -22.86
CA HIS A 60 -16.29 28.89 -22.09
C HIS A 60 -15.22 29.44 -21.15
N CYS A 61 -14.40 28.56 -20.58
CA CYS A 61 -13.34 28.96 -19.66
C CYS A 61 -12.30 29.81 -20.37
N LEU A 62 -11.94 29.42 -21.59
CA LEU A 62 -10.96 30.17 -22.36
C LEU A 62 -11.50 31.57 -22.64
N GLU A 63 -12.78 31.65 -22.98
CA GLU A 63 -13.44 32.92 -23.26
C GLU A 63 -13.40 33.81 -22.02
N LEU A 64 -13.41 33.19 -20.84
CA LEU A 64 -13.40 33.92 -19.58
C LEU A 64 -12.01 34.43 -19.22
N GLY A 65 -10.99 33.89 -19.90
CA GLY A 65 -9.63 34.32 -19.63
C GLY A 65 -8.73 33.24 -19.05
N ALA A 66 -9.19 31.99 -19.10
CA ALA A 66 -8.40 30.87 -18.57
C ALA A 66 -7.04 30.81 -19.25
N ALA A 67 -5.98 30.80 -18.45
CA ALA A 67 -4.62 30.73 -18.97
C ALA A 67 -4.44 29.43 -19.74
N SER A 68 -5.31 28.46 -19.44
CA SER A 68 -5.28 27.16 -20.09
C SER A 68 -6.51 26.37 -19.64
N ALA A 69 -7.15 25.67 -20.55
CA ALA A 69 -8.34 24.88 -20.23
C ALA A 69 -8.40 23.58 -21.01
N HIS A 70 -8.31 22.47 -20.29
CA HIS A 70 -8.35 21.15 -20.90
C HIS A 70 -9.34 20.26 -20.15
N TYR A 71 -9.67 19.11 -20.75
CA TYR A 71 -10.59 18.18 -20.12
C TYR A 71 -10.24 16.73 -20.48
N ILE A 72 -10.63 15.81 -19.60
CA ILE A 72 -10.41 14.40 -19.81
C ILE A 72 -11.64 13.68 -19.23
N ALA A 73 -12.35 12.96 -20.08
CA ALA A 73 -13.56 12.25 -19.67
C ALA A 73 -13.28 10.83 -19.21
N GLY A 74 -14.02 10.40 -18.20
CA GLY A 74 -13.87 9.05 -17.66
C GLY A 74 -14.71 8.91 -16.40
N THR A 75 -14.94 7.67 -15.96
CA THR A 75 -15.75 7.45 -14.78
C THR A 75 -14.90 7.10 -13.55
N MET A 76 -15.18 7.79 -12.45
CA MET A 76 -14.45 7.58 -11.20
C MET A 76 -14.81 6.30 -10.48
N GLU A 77 -15.55 5.42 -11.16
CA GLU A 77 -15.93 4.13 -10.58
C GLU A 77 -14.74 3.21 -10.81
N ASP A 78 -13.94 3.55 -11.80
CA ASP A 78 -12.75 2.78 -12.17
C ASP A 78 -11.53 3.48 -11.61
N MET A 79 -10.93 2.89 -10.58
CA MET A 79 -9.76 3.46 -9.92
C MET A 79 -8.54 3.63 -10.82
N THR A 80 -8.46 2.84 -11.90
CA THR A 80 -7.34 2.95 -12.82
C THR A 80 -7.42 4.30 -13.54
N PHE A 81 -8.62 4.67 -13.97
CA PHE A 81 -8.80 5.95 -14.65
C PHE A 81 -8.47 7.09 -13.70
N ALA A 82 -8.85 6.93 -12.43
CA ALA A 82 -8.60 7.94 -11.42
C ALA A 82 -7.11 8.28 -11.37
N GLU A 83 -6.27 7.25 -11.36
CA GLU A 83 -4.83 7.42 -11.32
C GLU A 83 -4.33 8.06 -12.61
N GLN A 84 -4.61 7.42 -13.74
CA GLN A 84 -4.17 7.91 -15.03
C GLN A 84 -4.57 9.37 -15.27
N PHE A 85 -5.75 9.74 -14.79
CA PHE A 85 -6.23 11.11 -14.97
C PHE A 85 -5.31 12.16 -14.35
N VAL A 86 -4.92 11.94 -13.10
CA VAL A 86 -4.05 12.89 -12.41
C VAL A 86 -2.70 13.04 -13.13
N ALA A 87 -2.24 11.95 -13.73
CA ALA A 87 -0.97 11.95 -14.46
C ALA A 87 -1.12 12.73 -15.77
N GLN A 88 -2.16 12.41 -16.53
CA GLN A 88 -2.40 13.06 -17.80
C GLN A 88 -2.73 14.53 -17.59
N ALA A 89 -3.45 14.82 -16.53
CA ALA A 89 -3.82 16.20 -16.21
C ALA A 89 -2.58 16.96 -15.78
N GLY A 90 -1.66 16.24 -15.14
CA GLY A 90 -0.43 16.86 -14.66
C GLY A 90 0.47 17.30 -15.79
N LYS A 91 0.65 16.43 -16.77
CA LYS A 91 1.49 16.74 -17.91
C LYS A 91 0.84 17.78 -18.83
N LEU A 92 -0.48 17.83 -18.82
CA LEU A 92 -1.21 18.80 -19.65
C LEU A 92 -0.98 20.23 -19.18
N MET A 93 -0.62 20.40 -17.92
CA MET A 93 -0.36 21.74 -17.38
C MET A 93 1.02 21.84 -16.75
N GLY A 94 1.78 20.75 -16.82
CA GLY A 94 3.13 20.74 -16.27
C GLY A 94 3.17 21.05 -14.78
N GLY A 95 2.32 20.37 -14.02
CA GLY A 95 2.29 20.59 -12.58
C GLY A 95 0.88 20.53 -11.99
N LEU A 96 0.79 20.84 -10.71
CA LEU A 96 -0.50 20.82 -10.00
C LEU A 96 -0.31 21.50 -8.65
N ASP A 97 -1.09 22.55 -8.41
CA ASP A 97 -0.99 23.31 -7.16
C ASP A 97 -2.26 23.21 -6.32
N MET A 98 -3.33 22.67 -6.88
CA MET A 98 -4.58 22.53 -6.14
C MET A 98 -5.47 21.44 -6.72
N LEU A 99 -5.84 20.49 -5.86
CA LEU A 99 -6.70 19.37 -6.27
C LEU A 99 -8.09 19.55 -5.67
N ILE A 100 -9.07 19.77 -6.53
CA ILE A 100 -10.45 19.96 -6.07
C ILE A 100 -11.30 18.75 -6.39
N LEU A 101 -11.58 17.96 -5.37
CA LEU A 101 -12.39 16.75 -5.47
C LEU A 101 -13.85 17.17 -5.23
N ASN A 102 -14.66 17.09 -6.29
CA ASN A 102 -16.04 17.54 -6.22
C ASN A 102 -17.08 16.53 -6.70
N HIS A 103 -16.66 15.59 -7.54
CA HIS A 103 -17.57 14.60 -8.09
C HIS A 103 -18.22 13.65 -7.09
N ILE A 104 -19.43 13.20 -7.45
CA ILE A 104 -20.18 12.25 -6.64
C ILE A 104 -21.02 11.42 -7.59
N THR A 105 -21.38 10.21 -7.17
CA THR A 105 -22.19 9.34 -8.01
C THR A 105 -23.62 9.87 -7.96
N ASN A 106 -24.41 9.51 -8.97
CA ASN A 106 -25.80 9.94 -9.04
C ASN A 106 -26.53 9.55 -7.76
N THR A 107 -27.11 10.53 -7.07
CA THR A 107 -27.79 10.25 -5.82
C THR A 107 -29.20 10.85 -5.75
N SER A 108 -30.15 10.01 -5.35
CA SER A 108 -31.53 10.43 -5.21
C SER A 108 -31.95 10.20 -3.76
N LEU A 109 -33.02 10.87 -3.34
CA LEU A 109 -33.50 10.72 -1.98
C LEU A 109 -34.51 9.58 -1.88
N ASN A 110 -34.20 8.61 -1.02
CA ASN A 110 -35.06 7.44 -0.82
C ASN A 110 -34.75 6.79 0.52
N LEU A 111 -35.75 6.11 1.08
CA LEU A 111 -35.57 5.38 2.33
C LEU A 111 -34.64 4.24 1.97
N PHE A 112 -33.82 3.79 2.90
CA PHE A 112 -32.93 2.68 2.61
C PHE A 112 -33.65 1.36 2.87
N HIS A 113 -33.50 0.41 1.97
CA HIS A 113 -34.14 -0.90 2.14
C HIS A 113 -33.15 -2.04 1.93
N ASP A 114 -32.75 -2.29 0.70
CA ASP A 114 -31.82 -3.37 0.41
C ASP A 114 -30.87 -3.06 -0.73
N ASP A 115 -30.72 -1.79 -1.07
CA ASP A 115 -29.84 -1.40 -2.16
C ASP A 115 -28.38 -1.27 -1.74
N ILE A 116 -27.73 -2.39 -1.44
CA ILE A 116 -26.33 -2.34 -1.04
C ILE A 116 -25.49 -1.92 -2.24
N HIS A 117 -26.00 -2.15 -3.45
CA HIS A 117 -25.27 -1.79 -4.65
C HIS A 117 -25.01 -0.29 -4.66
N HIS A 118 -26.02 0.49 -4.27
CA HIS A 118 -25.88 1.94 -4.23
C HIS A 118 -24.96 2.36 -3.09
N VAL A 119 -24.98 1.62 -1.99
CA VAL A 119 -24.12 1.97 -0.87
C VAL A 119 -22.66 1.76 -1.25
N ARG A 120 -22.35 0.63 -1.88
CA ARG A 120 -20.98 0.35 -2.31
C ARG A 120 -20.53 1.31 -3.40
N LYS A 121 -21.43 1.61 -4.33
CA LYS A 121 -21.11 2.52 -5.42
C LYS A 121 -20.82 3.90 -4.84
N SER A 122 -21.59 4.30 -3.82
CA SER A 122 -21.37 5.61 -3.20
C SER A 122 -20.03 5.65 -2.49
N MET A 123 -19.69 4.58 -1.76
CA MET A 123 -18.41 4.55 -1.06
C MET A 123 -17.25 4.57 -2.04
N GLU A 124 -17.41 3.89 -3.18
CA GLU A 124 -16.35 3.82 -4.19
C GLU A 124 -16.14 5.14 -4.91
N VAL A 125 -17.22 5.71 -5.42
CA VAL A 125 -17.14 6.96 -6.15
C VAL A 125 -16.96 8.21 -5.28
N ASN A 126 -17.76 8.31 -4.23
CA ASN A 126 -17.72 9.48 -3.34
C ASN A 126 -16.53 9.51 -2.39
N PHE A 127 -16.02 8.35 -2.01
CA PHE A 127 -14.91 8.30 -1.06
C PHE A 127 -13.61 7.68 -1.58
N LEU A 128 -13.66 6.39 -1.91
CA LEU A 128 -12.48 5.67 -2.38
C LEU A 128 -11.72 6.36 -3.51
N SER A 129 -12.42 6.88 -4.51
CA SER A 129 -11.74 7.55 -5.62
C SER A 129 -11.03 8.84 -5.16
N TYR A 130 -11.58 9.51 -4.16
CA TYR A 130 -10.95 10.73 -3.65
C TYR A 130 -9.59 10.36 -3.06
N VAL A 131 -9.53 9.20 -2.41
CA VAL A 131 -8.31 8.70 -1.81
C VAL A 131 -7.31 8.35 -2.92
N VAL A 132 -7.79 7.63 -3.92
CA VAL A 132 -6.95 7.22 -5.05
C VAL A 132 -6.43 8.46 -5.76
N LEU A 133 -7.32 9.42 -5.99
CA LEU A 133 -6.97 10.67 -6.65
C LEU A 133 -5.91 11.42 -5.83
N THR A 134 -6.05 11.39 -4.51
CA THR A 134 -5.11 12.07 -3.61
C THR A 134 -3.72 11.44 -3.66
N VAL A 135 -3.66 10.12 -3.55
CA VAL A 135 -2.40 9.41 -3.60
C VAL A 135 -1.63 9.76 -4.88
N ALA A 136 -2.35 9.77 -5.99
CA ALA A 136 -1.75 10.07 -7.30
C ALA A 136 -1.25 11.50 -7.47
N ALA A 137 -1.92 12.45 -6.82
CA ALA A 137 -1.55 13.85 -6.95
C ALA A 137 -0.63 14.40 -5.87
N LEU A 138 -0.48 13.67 -4.77
CA LEU A 138 0.36 14.13 -3.66
C LEU A 138 1.76 14.57 -4.08
N PRO A 139 2.47 13.72 -4.85
CA PRO A 139 3.82 14.09 -5.28
C PRO A 139 3.85 15.50 -5.89
N MET A 140 3.09 15.71 -6.95
CA MET A 140 3.05 17.01 -7.59
C MET A 140 2.65 18.09 -6.60
N LEU A 141 1.76 17.75 -5.67
CA LEU A 141 1.32 18.72 -4.67
C LEU A 141 2.41 19.06 -3.68
N LYS A 142 3.20 18.07 -3.29
CA LYS A 142 4.29 18.31 -2.36
C LYS A 142 5.30 19.25 -3.02
N GLN A 143 5.55 19.03 -4.31
CA GLN A 143 6.49 19.86 -5.04
C GLN A 143 6.11 21.33 -5.03
N SER A 144 4.84 21.61 -5.27
CA SER A 144 4.36 22.98 -5.30
C SER A 144 3.71 23.42 -3.99
N ASN A 145 3.80 22.57 -2.97
CA ASN A 145 3.17 22.86 -1.69
C ASN A 145 1.72 23.17 -1.98
N GLY A 146 1.11 22.32 -2.81
CA GLY A 146 -0.27 22.50 -3.20
C GLY A 146 -1.29 22.45 -2.09
N SER A 147 -2.55 22.30 -2.50
CA SER A 147 -3.66 22.24 -1.57
C SER A 147 -4.70 21.26 -2.11
N ILE A 148 -5.34 20.54 -1.21
CA ILE A 148 -6.38 19.60 -1.60
C ILE A 148 -7.68 20.15 -1.03
N VAL A 149 -8.71 20.20 -1.88
CA VAL A 149 -10.01 20.68 -1.45
C VAL A 149 -10.98 19.51 -1.62
N VAL A 150 -11.62 19.13 -0.53
CA VAL A 150 -12.57 18.04 -0.57
C VAL A 150 -13.98 18.59 -0.34
N VAL A 151 -14.83 18.45 -1.36
CA VAL A 151 -16.19 18.96 -1.25
C VAL A 151 -17.09 17.97 -0.51
N SER A 152 -17.60 18.41 0.64
CA SER A 152 -18.48 17.58 1.45
C SER A 152 -19.86 18.22 1.58
N SER A 153 -20.58 17.87 2.64
CA SER A 153 -21.93 18.38 2.84
C SER A 153 -22.34 18.41 4.32
N LEU A 154 -23.44 19.09 4.61
CA LEU A 154 -23.95 19.15 5.98
C LEU A 154 -24.23 17.71 6.40
N ALA A 155 -24.58 16.86 5.43
CA ALA A 155 -24.88 15.46 5.70
C ALA A 155 -23.60 14.67 5.93
N GLY A 156 -22.48 15.39 5.96
CA GLY A 156 -21.20 14.78 6.22
C GLY A 156 -20.73 15.18 7.60
N LYS A 157 -21.59 15.90 8.33
CA LYS A 157 -21.27 16.36 9.67
C LYS A 157 -22.42 16.02 10.62
N VAL A 158 -23.61 15.92 10.05
CA VAL A 158 -24.81 15.59 10.79
C VAL A 158 -25.61 14.52 10.03
N ALA A 159 -26.48 13.81 10.74
CA ALA A 159 -27.30 12.76 10.16
C ALA A 159 -28.55 13.35 9.51
N TYR A 160 -28.95 12.78 8.37
CA TYR A 160 -30.13 13.27 7.65
C TYR A 160 -30.82 12.07 6.99
N PRO A 161 -32.15 11.94 7.18
CA PRO A 161 -32.85 10.81 6.57
C PRO A 161 -32.90 10.89 5.05
N MET A 162 -33.06 9.73 4.43
CA MET A 162 -33.18 9.61 2.98
C MET A 162 -31.89 9.69 2.17
N VAL A 163 -30.78 9.96 2.84
CA VAL A 163 -29.49 10.04 2.16
C VAL A 163 -28.43 9.27 2.94
N ALA A 164 -28.81 8.10 3.45
CA ALA A 164 -27.92 7.27 4.24
C ALA A 164 -26.58 6.91 3.58
N ALA A 165 -26.62 6.38 2.35
CA ALA A 165 -25.40 6.00 1.64
C ALA A 165 -24.51 7.21 1.38
N TYR A 166 -25.16 8.29 0.95
CA TYR A 166 -24.48 9.54 0.64
C TYR A 166 -23.80 10.06 1.90
N SER A 167 -24.56 10.10 2.99
CA SER A 167 -24.04 10.59 4.27
C SER A 167 -22.83 9.76 4.72
N ALA A 168 -22.93 8.44 4.59
CA ALA A 168 -21.84 7.57 4.99
C ALA A 168 -20.55 7.91 4.24
N SER A 169 -20.65 8.15 2.94
CA SER A 169 -19.49 8.49 2.14
C SER A 169 -18.89 9.84 2.52
N LYS A 170 -19.74 10.82 2.82
CA LYS A 170 -19.25 12.13 3.20
C LYS A 170 -18.63 12.09 4.60
N PHE A 171 -19.22 11.32 5.51
CA PHE A 171 -18.66 11.21 6.86
C PHE A 171 -17.27 10.55 6.73
N ALA A 172 -17.18 9.54 5.88
CA ALA A 172 -15.92 8.82 5.63
C ALA A 172 -14.82 9.80 5.22
N LEU A 173 -15.15 10.75 4.35
CA LEU A 173 -14.19 11.76 3.91
C LEU A 173 -13.61 12.57 5.07
N ASP A 174 -14.47 12.94 6.02
CA ASP A 174 -14.06 13.71 7.18
C ASP A 174 -13.10 12.88 8.02
N GLY A 175 -13.49 11.64 8.31
CA GLY A 175 -12.63 10.79 9.10
C GLY A 175 -11.27 10.56 8.46
N PHE A 176 -11.27 10.21 7.18
CA PHE A 176 -10.01 9.95 6.50
C PHE A 176 -9.11 11.18 6.33
N PHE A 177 -9.62 12.21 5.67
CA PHE A 177 -8.82 13.42 5.43
C PHE A 177 -8.43 14.20 6.68
N SER A 178 -9.25 14.16 7.73
CA SER A 178 -8.91 14.87 8.97
C SER A 178 -7.79 14.12 9.69
N SER A 179 -7.80 12.80 9.57
CA SER A 179 -6.78 11.98 10.20
C SER A 179 -5.45 12.17 9.47
N ILE A 180 -5.52 12.25 8.15
CA ILE A 180 -4.33 12.46 7.34
C ILE A 180 -3.74 13.83 7.62
N ARG A 181 -4.60 14.84 7.78
CA ARG A 181 -4.12 16.18 8.05
C ARG A 181 -3.17 16.16 9.26
N LYS A 182 -3.53 15.39 10.29
CA LYS A 182 -2.69 15.29 11.48
C LYS A 182 -1.40 14.57 11.17
N GLU A 183 -1.45 13.60 10.25
CA GLU A 183 -0.27 12.85 9.87
C GLU A 183 0.71 13.75 9.12
N TYR A 184 0.19 14.58 8.23
CA TYR A 184 1.03 15.49 7.45
C TYR A 184 1.65 16.55 8.35
N SER A 185 0.96 16.90 9.43
CA SER A 185 1.46 17.90 10.37
C SER A 185 2.75 17.45 11.02
N VAL A 186 2.79 16.20 11.47
CA VAL A 186 3.97 15.65 12.12
C VAL A 186 5.04 15.22 11.12
N SER A 187 4.60 14.79 9.94
CA SER A 187 5.50 14.36 8.89
C SER A 187 5.97 15.57 8.08
N ARG A 188 5.66 16.75 8.60
CA ARG A 188 6.00 18.01 7.96
C ARG A 188 5.80 17.98 6.44
N VAL A 189 4.56 17.72 6.03
CA VAL A 189 4.17 17.68 4.63
C VAL A 189 3.37 18.95 4.37
N ASN A 190 3.93 19.84 3.55
CA ASN A 190 3.31 21.12 3.22
C ASN A 190 2.14 21.09 2.25
N VAL A 191 1.18 20.20 2.49
CA VAL A 191 0.00 20.11 1.64
C VAL A 191 -1.22 20.36 2.52
N SER A 192 -1.99 21.39 2.20
CA SER A 192 -3.18 21.73 2.98
C SER A 192 -4.39 20.93 2.52
N ILE A 193 -5.30 20.69 3.45
CA ILE A 193 -6.53 19.94 3.17
C ILE A 193 -7.74 20.73 3.63
N THR A 194 -8.61 21.09 2.69
CA THR A 194 -9.78 21.89 2.99
C THR A 194 -11.07 21.08 2.83
N LEU A 195 -11.80 20.91 3.92
CA LEU A 195 -13.05 20.18 3.90
C LEU A 195 -14.18 21.20 3.83
N CYS A 196 -14.94 21.16 2.75
CA CYS A 196 -16.05 22.09 2.54
C CYS A 196 -17.40 21.49 2.91
N VAL A 197 -18.03 22.04 3.94
CA VAL A 197 -19.34 21.57 4.40
C VAL A 197 -20.43 22.47 3.81
N LEU A 198 -21.12 21.97 2.78
CA LEU A 198 -22.15 22.75 2.10
C LEU A 198 -23.58 22.34 2.44
N GLY A 199 -24.47 23.33 2.44
CA GLY A 199 -25.87 23.07 2.68
C GLY A 199 -26.51 22.92 1.31
N LEU A 200 -27.84 22.92 1.24
CA LEU A 200 -28.54 22.77 -0.03
C LEU A 200 -28.21 23.90 -1.01
N ILE A 201 -27.75 23.52 -2.20
CA ILE A 201 -27.38 24.48 -3.24
C ILE A 201 -28.31 24.32 -4.45
N ASP A 202 -28.63 25.43 -5.11
CA ASP A 202 -29.54 25.42 -6.25
C ASP A 202 -29.00 24.77 -7.53
N THR A 203 -28.48 23.56 -7.41
CA THR A 203 -27.97 22.84 -8.58
C THR A 203 -29.14 22.18 -9.28
N GLU A 204 -29.05 22.02 -10.60
CA GLU A 204 -30.13 21.40 -11.35
C GLU A 204 -30.40 19.97 -10.89
N THR A 205 -29.34 19.25 -10.54
CA THR A 205 -29.50 17.87 -10.09
C THR A 205 -30.12 17.88 -8.69
N ALA A 206 -29.65 18.80 -7.86
CA ALA A 206 -30.13 18.91 -6.49
C ALA A 206 -31.62 19.24 -6.43
N MET A 207 -32.04 20.17 -7.28
CA MET A 207 -33.44 20.58 -7.31
C MET A 207 -34.38 19.45 -7.70
N LYS A 208 -34.02 18.69 -8.72
CA LYS A 208 -34.84 17.57 -9.17
C LYS A 208 -34.98 16.49 -8.11
N ALA A 209 -33.95 16.35 -7.27
CA ALA A 209 -33.98 15.33 -6.23
C ALA A 209 -34.48 15.83 -4.88
N VAL A 210 -34.50 17.15 -4.68
CA VAL A 210 -34.93 17.73 -3.41
C VAL A 210 -36.42 18.06 -3.25
N SER A 211 -37.07 18.48 -4.33
CA SER A 211 -38.49 18.82 -4.27
C SER A 211 -39.35 17.68 -3.71
N GLY A 212 -39.57 17.71 -2.40
CA GLY A 212 -40.36 16.67 -1.75
C GLY A 212 -39.87 16.28 -0.38
N ILE A 213 -38.55 16.24 -0.20
CA ILE A 213 -37.98 15.86 1.09
C ILE A 213 -37.29 17.03 1.80
N VAL A 214 -36.21 17.53 1.21
CA VAL A 214 -35.47 18.63 1.81
C VAL A 214 -36.14 19.98 1.56
N HIS A 215 -37.19 20.25 2.33
CA HIS A 215 -37.94 21.49 2.22
C HIS A 215 -37.16 22.64 2.85
N MET A 216 -36.49 23.43 2.01
CA MET A 216 -35.72 24.56 2.52
C MET A 216 -35.11 25.41 1.42
N GLN A 217 -34.58 26.56 1.82
CA GLN A 217 -33.96 27.50 0.91
C GLN A 217 -32.69 26.87 0.33
N ALA A 218 -32.41 27.16 -0.95
CA ALA A 218 -31.23 26.64 -1.61
C ALA A 218 -30.32 27.81 -1.95
N ALA A 219 -29.08 27.74 -1.50
CA ALA A 219 -28.11 28.80 -1.75
C ALA A 219 -27.68 28.80 -3.22
N PRO A 220 -27.29 29.98 -3.74
CA PRO A 220 -26.84 30.13 -5.12
C PRO A 220 -25.55 29.38 -5.40
N LYS A 221 -25.54 28.57 -6.46
CA LYS A 221 -24.37 27.78 -6.80
C LYS A 221 -23.13 28.59 -7.18
N GLU A 222 -23.33 29.79 -7.73
CA GLU A 222 -22.20 30.62 -8.13
C GLU A 222 -21.40 31.12 -6.93
N GLU A 223 -22.10 31.55 -5.90
CA GLU A 223 -21.44 32.05 -4.69
C GLU A 223 -20.75 30.87 -4.00
N CYS A 224 -21.46 29.76 -3.90
CA CYS A 224 -20.92 28.56 -3.28
C CYS A 224 -19.57 28.19 -3.88
N ALA A 225 -19.53 28.06 -5.20
CA ALA A 225 -18.32 27.71 -5.93
C ALA A 225 -17.14 28.63 -5.63
N LEU A 226 -17.44 29.91 -5.42
CA LEU A 226 -16.39 30.89 -5.15
C LEU A 226 -15.88 30.74 -3.72
N GLU A 227 -16.80 30.44 -2.80
CA GLU A 227 -16.44 30.27 -1.40
C GLU A 227 -15.51 29.06 -1.21
N ILE A 228 -15.77 28.01 -2.00
CA ILE A 228 -14.95 26.82 -1.92
C ILE A 228 -13.53 27.16 -2.38
N ILE A 229 -13.44 27.90 -3.48
CA ILE A 229 -12.16 28.30 -4.04
C ILE A 229 -11.34 29.18 -3.09
N LYS A 230 -11.98 30.20 -2.54
CA LYS A 230 -11.28 31.11 -1.62
C LYS A 230 -10.77 30.37 -0.39
N GLY A 231 -11.49 29.32 0.01
CA GLY A 231 -11.09 28.56 1.19
C GLY A 231 -9.84 27.76 0.90
N GLY A 232 -9.78 27.15 -0.28
CA GLY A 232 -8.62 26.36 -0.64
C GLY A 232 -7.40 27.25 -0.80
N ALA A 233 -7.64 28.49 -1.24
CA ALA A 233 -6.56 29.45 -1.44
C ALA A 233 -5.99 29.92 -0.11
N LEU A 234 -6.86 30.13 0.87
CA LEU A 234 -6.42 30.58 2.19
C LEU A 234 -5.91 29.39 2.99
N ARG A 235 -5.96 28.22 2.38
CA ARG A 235 -5.50 26.98 3.00
C ARG A 235 -6.22 26.71 4.32
N GLN A 236 -7.51 26.99 4.36
CA GLN A 236 -8.31 26.77 5.57
C GLN A 236 -8.62 25.27 5.69
N GLU A 237 -8.68 24.79 6.92
CA GLU A 237 -8.97 23.38 7.17
C GLU A 237 -10.41 23.05 6.78
N GLU A 238 -11.30 24.01 6.94
CA GLU A 238 -12.70 23.79 6.60
C GLU A 238 -13.43 25.05 6.17
N VAL A 239 -14.44 24.85 5.31
CA VAL A 239 -15.28 25.93 4.80
C VAL A 239 -16.73 25.55 5.10
N TYR A 240 -17.52 26.52 5.54
CA TYR A 240 -18.92 26.26 5.83
C TYR A 240 -19.76 27.24 5.01
N TYR A 241 -20.71 26.72 4.25
CA TYR A 241 -21.56 27.57 3.43
C TYR A 241 -22.99 27.03 3.36
N ASP A 242 -23.92 27.80 3.91
CA ASP A 242 -25.32 27.40 3.92
C ASP A 242 -26.19 28.66 3.92
N SER A 243 -27.42 28.54 3.41
CA SER A 243 -28.32 29.68 3.35
C SER A 243 -28.85 30.06 4.73
N SER A 244 -28.80 29.13 5.67
CA SER A 244 -29.29 29.39 7.02
C SER A 244 -28.15 29.71 7.98
N LEU A 245 -28.18 30.92 8.54
CA LEU A 245 -27.13 31.33 9.48
C LEU A 245 -27.25 30.59 10.82
N TRP A 246 -28.45 30.10 11.12
CA TRP A 246 -28.66 29.38 12.36
C TRP A 246 -28.06 27.97 12.27
N THR A 247 -27.95 27.47 11.04
CA THR A 247 -27.37 26.16 10.82
C THR A 247 -25.85 26.28 10.86
N THR A 248 -25.34 27.36 10.27
CA THR A 248 -23.91 27.61 10.24
C THR A 248 -23.41 27.89 11.67
N LEU A 249 -24.32 28.34 12.52
CA LEU A 249 -24.00 28.65 13.90
C LEU A 249 -23.83 27.39 14.74
N LEU A 250 -24.65 26.37 14.46
CA LEU A 250 -24.60 25.11 15.20
C LEU A 250 -23.79 24.01 14.53
N ILE A 251 -23.42 24.20 13.27
CA ILE A 251 -22.68 23.17 12.54
C ILE A 251 -21.27 22.89 13.07
N ARG A 252 -20.65 23.86 13.72
CA ARG A 252 -19.30 23.64 14.26
C ARG A 252 -19.35 22.81 15.55
N ASN A 253 -18.28 22.08 15.82
CA ASN A 253 -18.21 21.22 17.01
C ASN A 253 -16.93 21.51 17.80
N PRO A 254 -16.96 22.56 18.64
CA PRO A 254 -15.79 22.91 19.44
C PRO A 254 -15.24 21.79 20.32
N SER A 255 -16.12 20.95 20.84
CA SER A 255 -15.70 19.83 21.69
C SER A 255 -14.70 18.93 20.98
N ARG A 256 -14.96 18.66 19.71
CA ARG A 256 -14.05 17.82 18.94
C ARG A 256 -12.69 18.48 18.80
N LYS A 257 -12.69 19.79 18.55
CA LYS A 257 -11.44 20.52 18.40
C LYS A 257 -10.62 20.45 19.68
N ILE A 258 -11.29 20.61 20.82
CA ILE A 258 -10.61 20.55 22.11
C ILE A 258 -10.08 19.15 22.39
N LEU A 259 -10.91 18.14 22.14
CA LEU A 259 -10.49 16.77 22.38
C LEU A 259 -9.28 16.40 21.53
N GLU A 260 -9.25 16.84 20.28
CA GLU A 260 -8.12 16.54 19.41
C GLU A 260 -6.86 17.23 19.89
N PHE A 261 -7.00 18.40 20.52
CA PHE A 261 -5.85 19.10 21.05
C PHE A 261 -5.30 18.28 22.22
N LEU A 262 -6.19 17.92 23.14
CA LEU A 262 -5.80 17.13 24.29
C LEU A 262 -5.17 15.80 23.89
N TYR A 263 -5.56 15.29 22.72
CA TYR A 263 -5.02 14.03 22.22
C TYR A 263 -3.72 14.19 21.44
N SER A 264 -3.46 15.39 20.94
CA SER A 264 -2.26 15.64 20.15
C SER A 264 -0.97 15.35 20.92
N THR A 265 -1.12 14.94 22.18
CA THR A 265 0.03 14.63 23.01
C THR A 265 -0.08 13.23 23.62
N TYR A 267 0.32 10.49 21.62
CA TYR A 267 1.13 9.63 20.76
C TYR A 267 2.55 10.12 20.62
N PHE B 10 -32.24 -0.77 33.50
CA PHE B 10 -31.78 -2.07 32.93
C PHE B 10 -32.07 -3.24 33.85
N ARG B 11 -32.49 -4.35 33.27
CA ARG B 11 -32.78 -5.57 34.02
C ARG B 11 -32.28 -6.75 33.21
N PRO B 12 -31.38 -7.56 33.78
CA PRO B 12 -30.83 -8.73 33.09
C PRO B 12 -31.91 -9.63 32.50
N GLU B 13 -33.12 -9.51 33.03
CA GLU B 13 -34.26 -10.29 32.55
C GLU B 13 -34.58 -9.92 31.10
N MET B 14 -34.16 -8.73 30.69
CA MET B 14 -34.40 -8.25 29.33
C MET B 14 -33.79 -9.17 28.27
N LEU B 15 -32.68 -9.81 28.61
CA LEU B 15 -32.00 -10.71 27.68
C LEU B 15 -32.24 -12.18 28.04
N GLN B 16 -32.86 -12.39 29.21
CA GLN B 16 -33.15 -13.72 29.75
C GLN B 16 -33.27 -14.88 28.76
N GLY B 17 -33.86 -14.64 27.59
CA GLY B 17 -34.00 -15.70 26.61
C GLY B 17 -34.05 -15.15 25.19
N LYS B 18 -33.35 -14.05 24.98
CA LYS B 18 -33.31 -13.38 23.68
C LYS B 18 -32.35 -14.03 22.69
N LYS B 19 -32.64 -13.91 21.41
CA LYS B 19 -31.83 -14.48 20.34
C LYS B 19 -30.82 -13.41 19.91
N VAL B 20 -29.54 -13.68 20.15
CA VAL B 20 -28.50 -12.70 19.84
C VAL B 20 -27.33 -13.16 18.98
N ILE B 21 -26.96 -12.33 18.01
CA ILE B 21 -25.83 -12.58 17.12
C ILE B 21 -24.69 -11.66 17.55
N VAL B 22 -23.49 -12.21 17.68
CA VAL B 22 -22.33 -11.42 18.05
C VAL B 22 -21.21 -11.70 17.04
N THR B 23 -20.82 -10.69 16.27
CA THR B 23 -19.74 -10.88 15.30
C THR B 23 -18.40 -10.52 15.94
N GLY B 24 -17.31 -10.98 15.32
CA GLY B 24 -15.98 -10.73 15.87
C GLY B 24 -15.95 -11.19 17.32
N ALA B 25 -16.50 -12.38 17.57
CA ALA B 25 -16.58 -12.89 18.92
C ALA B 25 -15.65 -14.04 19.28
N SER B 26 -14.56 -14.21 18.53
CA SER B 26 -13.61 -15.27 18.85
C SER B 26 -12.62 -14.76 19.89
N LYS B 27 -12.61 -13.46 20.11
CA LYS B 27 -11.71 -12.85 21.09
C LYS B 27 -12.07 -11.39 21.34
N GLY B 28 -11.32 -10.74 22.23
CA GLY B 28 -11.57 -9.34 22.53
C GLY B 28 -12.94 -9.06 23.11
N ILE B 29 -13.46 -7.88 22.81
CA ILE B 29 -14.75 -7.43 23.31
C ILE B 29 -15.92 -8.32 22.89
N GLY B 30 -15.92 -8.77 21.64
CA GLY B 30 -17.01 -9.61 21.18
C GLY B 30 -17.14 -10.89 21.97
N ARG B 31 -16.00 -11.47 22.31
CA ARG B 31 -15.96 -12.70 23.08
C ARG B 31 -16.56 -12.45 24.47
N GLU B 32 -16.18 -11.34 25.09
CA GLU B 32 -16.68 -11.02 26.42
C GLU B 32 -18.19 -10.78 26.38
N MET B 33 -18.67 -10.18 25.29
CA MET B 33 -20.10 -9.92 25.17
C MET B 33 -20.85 -11.25 25.09
N ALA B 34 -20.29 -12.19 24.34
CA ALA B 34 -20.91 -13.50 24.21
C ALA B 34 -21.05 -14.15 25.59
N TYR B 35 -19.99 -14.06 26.40
CA TYR B 35 -20.01 -14.65 27.73
C TYR B 35 -21.05 -13.98 28.62
N HIS B 36 -21.12 -12.65 28.58
CA HIS B 36 -22.10 -11.93 29.37
C HIS B 36 -23.51 -12.39 28.99
N LEU B 37 -23.75 -12.48 27.69
CA LEU B 37 -25.05 -12.91 27.21
C LEU B 37 -25.32 -14.34 27.70
N ALA B 38 -24.28 -15.17 27.73
CA ALA B 38 -24.41 -16.55 28.17
C ALA B 38 -24.85 -16.61 29.65
N LYS B 39 -24.18 -15.84 30.49
CA LYS B 39 -24.51 -15.82 31.91
C LYS B 39 -25.89 -15.24 32.18
N MET B 40 -26.48 -14.62 31.16
CA MET B 40 -27.80 -14.02 31.29
C MET B 40 -28.91 -14.93 30.74
N GLY B 41 -28.52 -16.08 30.22
CA GLY B 41 -29.50 -17.03 29.70
C GLY B 41 -30.00 -16.75 28.30
N ALA B 42 -29.21 -16.02 27.51
CA ALA B 42 -29.63 -15.71 26.15
C ALA B 42 -29.18 -16.79 25.18
N HIS B 43 -29.80 -16.80 24.01
CA HIS B 43 -29.43 -17.72 22.94
C HIS B 43 -28.37 -16.94 22.19
N VAL B 44 -27.25 -17.56 21.87
CA VAL B 44 -26.18 -16.85 21.17
C VAL B 44 -25.53 -17.58 19.99
N VAL B 45 -25.33 -16.84 18.90
CA VAL B 45 -24.65 -17.38 17.73
C VAL B 45 -23.48 -16.43 17.54
N VAL B 46 -22.27 -16.97 17.58
CA VAL B 46 -21.06 -16.18 17.42
C VAL B 46 -20.38 -16.49 16.09
N THR B 47 -19.66 -15.51 15.58
CA THR B 47 -18.95 -15.70 14.32
C THR B 47 -17.62 -14.96 14.31
N ALA B 48 -16.75 -15.43 13.42
CA ALA B 48 -15.41 -14.91 13.20
C ALA B 48 -14.82 -15.87 12.19
N ARG B 49 -13.53 -15.75 11.89
CA ARG B 49 -12.91 -16.62 10.91
C ARG B 49 -12.32 -17.87 11.55
N SER B 50 -11.89 -17.75 12.80
CA SER B 50 -11.27 -18.88 13.51
C SER B 50 -12.23 -19.94 14.05
N LYS B 51 -12.34 -21.03 13.31
CA LYS B 51 -13.20 -22.14 13.71
C LYS B 51 -12.76 -22.70 15.06
N GLU B 52 -11.49 -23.06 15.18
CA GLU B 52 -10.96 -23.63 16.40
C GLU B 52 -11.29 -22.77 17.63
N THR B 53 -11.14 -21.46 17.49
CA THR B 53 -11.40 -20.55 18.60
C THR B 53 -12.90 -20.39 18.90
N LEU B 54 -13.72 -20.31 17.86
CA LEU B 54 -15.16 -20.18 18.07
C LEU B 54 -15.69 -21.43 18.77
N GLN B 55 -15.05 -22.56 18.50
CA GLN B 55 -15.45 -23.80 19.15
C GLN B 55 -15.31 -23.63 20.65
N LYS B 56 -14.18 -23.05 21.06
CA LYS B 56 -13.90 -22.84 22.47
C LYS B 56 -14.86 -21.85 23.12
N VAL B 57 -15.17 -20.75 22.44
CA VAL B 57 -16.09 -19.77 23.02
C VAL B 57 -17.47 -20.38 23.23
N VAL B 58 -17.97 -21.11 22.24
CA VAL B 58 -19.28 -21.74 22.35
C VAL B 58 -19.28 -22.70 23.55
N SER B 59 -18.20 -23.48 23.67
CA SER B 59 -18.08 -24.41 24.78
C SER B 59 -18.24 -23.69 26.11
N HIS B 60 -17.50 -22.59 26.28
CA HIS B 60 -17.57 -21.83 27.52
C HIS B 60 -18.96 -21.23 27.72
N CYS B 61 -19.57 -20.76 26.62
CA CYS B 61 -20.90 -20.17 26.70
C CYS B 61 -21.92 -21.16 27.27
N LEU B 62 -21.82 -22.41 26.84
CA LEU B 62 -22.73 -23.44 27.34
C LEU B 62 -22.45 -23.60 28.83
N GLU B 63 -21.17 -23.59 29.16
CA GLU B 63 -20.71 -23.74 30.54
C GLU B 63 -21.26 -22.61 31.42
N LEU B 64 -21.30 -21.39 30.88
CA LEU B 64 -21.79 -20.24 31.62
C LEU B 64 -23.31 -20.20 31.79
N GLY B 65 -24.03 -21.04 31.04
CA GLY B 65 -25.46 -21.07 31.17
C GLY B 65 -26.28 -20.51 30.02
N ALA B 66 -25.68 -20.43 28.84
CA ALA B 66 -26.38 -19.92 27.67
C ALA B 66 -27.58 -20.83 27.38
N ALA B 67 -28.70 -20.25 26.99
CA ALA B 67 -29.89 -21.04 26.68
C ALA B 67 -29.60 -21.91 25.46
N SER B 68 -28.67 -21.45 24.65
CA SER B 68 -28.26 -22.14 23.42
C SER B 68 -27.05 -21.40 22.88
N ALA B 69 -26.14 -22.11 22.23
CA ALA B 69 -24.95 -21.46 21.69
C ALA B 69 -24.39 -22.22 20.49
N HIS B 70 -24.19 -21.49 19.39
CA HIS B 70 -23.65 -22.07 18.18
C HIS B 70 -22.68 -21.09 17.54
N TYR B 71 -21.88 -21.59 16.59
CA TYR B 71 -20.93 -20.74 15.88
C TYR B 71 -20.97 -21.07 14.39
N ILE B 72 -20.61 -20.09 13.57
CA ILE B 72 -20.52 -20.25 12.12
C ILE B 72 -19.29 -19.46 11.72
N ALA B 73 -18.27 -20.15 11.22
CA ALA B 73 -17.02 -19.50 10.83
C ALA B 73 -17.02 -18.99 9.40
N GLY B 74 -16.34 -17.87 9.17
CA GLY B 74 -16.29 -17.29 7.84
C GLY B 74 -15.76 -15.87 7.87
N THR B 75 -15.39 -15.33 6.71
CA THR B 75 -14.85 -13.98 6.65
C THR B 75 -15.87 -12.98 6.16
N MET B 76 -15.96 -11.85 6.87
CA MET B 76 -16.89 -10.80 6.52
C MET B 76 -16.42 -10.00 5.31
N GLU B 77 -15.36 -10.49 4.66
CA GLU B 77 -14.85 -9.87 3.44
C GLU B 77 -15.74 -10.41 2.32
N ASP B 78 -16.43 -11.51 2.62
CA ASP B 78 -17.33 -12.19 1.67
C ASP B 78 -18.78 -11.79 1.96
N MET B 79 -19.33 -10.90 1.14
CA MET B 79 -20.70 -10.45 1.35
C MET B 79 -21.76 -11.54 1.24
N THR B 80 -21.48 -12.58 0.46
CA THR B 80 -22.45 -13.67 0.33
C THR B 80 -22.50 -14.42 1.66
N PHE B 81 -21.33 -14.68 2.23
CA PHE B 81 -21.28 -15.37 3.52
C PHE B 81 -22.00 -14.52 4.56
N ALA B 82 -21.78 -13.22 4.51
CA ALA B 82 -22.41 -12.30 5.46
C ALA B 82 -23.92 -12.44 5.38
N GLU B 83 -24.45 -12.40 4.17
CA GLU B 83 -25.90 -12.52 3.97
C GLU B 83 -26.43 -13.87 4.46
N GLN B 84 -25.77 -14.95 4.05
CA GLN B 84 -26.19 -16.29 4.44
C GLN B 84 -26.00 -16.59 5.92
N PHE B 85 -24.98 -16.00 6.52
CA PHE B 85 -24.71 -16.20 7.94
C PHE B 85 -25.91 -15.84 8.82
N VAL B 86 -26.52 -14.69 8.57
CA VAL B 86 -27.65 -14.28 9.39
C VAL B 86 -28.85 -15.18 9.25
N ALA B 87 -29.11 -15.67 8.04
CA ALA B 87 -30.26 -16.56 7.83
C ALA B 87 -30.07 -17.86 8.61
N GLN B 88 -28.86 -18.39 8.58
CA GLN B 88 -28.55 -19.64 9.29
C GLN B 88 -28.54 -19.42 10.80
N ALA B 89 -28.07 -18.24 11.24
CA ALA B 89 -28.03 -17.90 12.66
C ALA B 89 -29.47 -17.81 13.15
N GLY B 90 -30.36 -17.30 12.30
CA GLY B 90 -31.76 -17.18 12.67
C GLY B 90 -32.39 -18.56 12.83
N LYS B 91 -32.06 -19.46 11.92
CA LYS B 91 -32.59 -20.82 11.96
C LYS B 91 -32.10 -21.56 13.20
N LEU B 92 -30.88 -21.25 13.63
CA LEU B 92 -30.30 -21.89 14.80
C LEU B 92 -31.01 -21.55 16.12
N MET B 93 -31.45 -20.31 16.27
CA MET B 93 -32.13 -19.90 17.50
C MET B 93 -33.64 -19.73 17.35
N GLY B 94 -34.13 -19.85 16.12
CA GLY B 94 -35.56 -19.69 15.90
C GLY B 94 -35.99 -18.24 15.80
N GLY B 95 -35.09 -17.37 15.35
CA GLY B 95 -35.40 -15.95 15.22
C GLY B 95 -34.24 -15.08 15.63
N LEU B 96 -34.48 -13.78 15.78
CA LEU B 96 -33.42 -12.87 16.17
C LEU B 96 -33.95 -11.65 16.93
N ASP B 97 -33.33 -11.34 18.05
CA ASP B 97 -33.74 -10.20 18.87
C ASP B 97 -32.71 -9.07 18.84
N MET B 98 -31.43 -9.44 18.75
CA MET B 98 -30.38 -8.44 18.77
C MET B 98 -29.19 -8.79 17.87
N LEU B 99 -28.80 -7.83 17.05
CA LEU B 99 -27.67 -7.99 16.15
C LEU B 99 -26.51 -7.11 16.61
N ILE B 100 -25.43 -7.73 17.09
CA ILE B 100 -24.25 -7.00 17.55
C ILE B 100 -23.12 -7.09 16.52
N LEU B 101 -22.88 -5.96 15.84
CA LEU B 101 -21.85 -5.84 14.82
C LEU B 101 -20.60 -5.31 15.50
N ASN B 102 -19.61 -6.18 15.65
CA ASN B 102 -18.40 -5.83 16.38
C ASN B 102 -17.07 -6.04 15.65
N HIS B 103 -17.06 -6.95 14.67
CA HIS B 103 -15.84 -7.25 13.94
C HIS B 103 -15.25 -6.10 13.13
N ILE B 104 -13.94 -6.18 12.90
CA ILE B 104 -13.22 -5.20 12.08
C ILE B 104 -12.05 -5.93 11.44
N THR B 105 -11.57 -5.44 10.30
CA THR B 105 -10.44 -6.09 9.65
C THR B 105 -9.20 -5.75 10.49
N ASN B 106 -8.18 -6.60 10.45
CA ASN B 106 -6.98 -6.36 11.25
C ASN B 106 -6.37 -5.01 10.92
N THR B 107 -6.10 -4.21 11.94
CA THR B 107 -5.55 -2.88 11.75
C THR B 107 -4.45 -2.49 12.74
N SER B 108 -3.29 -2.11 12.20
CA SER B 108 -2.17 -1.69 13.03
C SER B 108 -1.96 -0.21 12.79
N LEU B 109 -1.19 0.45 13.66
CA LEU B 109 -0.94 1.87 13.52
C LEU B 109 0.19 2.18 12.54
N ASN B 110 -0.14 2.89 11.46
CA ASN B 110 0.84 3.27 10.45
C ASN B 110 0.37 4.53 9.75
N LEU B 111 1.30 5.32 9.24
CA LEU B 111 0.93 6.55 8.54
C LEU B 111 0.33 6.07 7.22
N PHE B 112 -0.48 6.90 6.58
CA PHE B 112 -1.07 6.51 5.31
C PHE B 112 -0.17 6.91 4.15
N HIS B 113 0.24 5.92 3.35
CA HIS B 113 1.09 6.20 2.22
C HIS B 113 0.34 5.93 0.91
N ASP B 114 0.15 4.66 0.60
CA ASP B 114 -0.53 4.28 -0.63
C ASP B 114 -1.15 2.90 -0.54
N ASP B 115 -1.40 2.43 0.68
CA ASP B 115 -1.99 1.12 0.90
C ASP B 115 -3.48 1.19 0.61
N ILE B 116 -3.83 1.38 -0.66
CA ILE B 116 -5.23 1.47 -1.05
C ILE B 116 -5.95 0.17 -0.66
N HIS B 117 -5.20 -0.93 -0.59
CA HIS B 117 -5.79 -2.20 -0.22
C HIS B 117 -6.40 -2.18 1.18
N HIS B 118 -5.69 -1.58 2.13
CA HIS B 118 -6.19 -1.51 3.50
C HIS B 118 -7.39 -0.57 3.61
N VAL B 119 -7.37 0.51 2.84
CA VAL B 119 -8.47 1.46 2.85
C VAL B 119 -9.75 0.79 2.38
N ARG B 120 -9.69 0.13 1.22
CA ARG B 120 -10.87 -0.54 0.69
C ARG B 120 -11.33 -1.69 1.57
N LYS B 121 -10.37 -2.45 2.09
CA LYS B 121 -10.73 -3.58 2.94
C LYS B 121 -11.34 -3.12 4.24
N SER B 122 -10.89 -1.96 4.74
CA SER B 122 -11.45 -1.42 5.98
C SER B 122 -12.90 -1.02 5.71
N MET B 123 -13.13 -0.38 4.56
CA MET B 123 -14.48 0.05 4.21
C MET B 123 -15.41 -1.14 3.98
N GLU B 124 -14.87 -2.18 3.33
CA GLU B 124 -15.62 -3.38 3.04
C GLU B 124 -15.99 -4.16 4.30
N VAL B 125 -15.00 -4.44 5.13
CA VAL B 125 -15.23 -5.22 6.34
C VAL B 125 -15.82 -4.45 7.52
N ASN B 126 -15.30 -3.26 7.79
CA ASN B 126 -15.76 -2.47 8.93
C ASN B 126 -17.07 -1.75 8.74
N PHE B 127 -17.43 -1.51 7.48
CA PHE B 127 -18.65 -0.78 7.19
C PHE B 127 -19.65 -1.51 6.27
N LEU B 128 -19.24 -1.81 5.04
CA LEU B 128 -20.14 -2.48 4.12
C LEU B 128 -20.72 -3.80 4.64
N SER B 129 -19.89 -4.63 5.27
CA SER B 129 -20.40 -5.89 5.78
C SER B 129 -21.47 -5.63 6.87
N TYR B 130 -21.34 -4.52 7.60
CA TYR B 130 -22.34 -4.21 8.63
C TYR B 130 -23.68 -3.89 7.97
N VAL B 131 -23.65 -3.23 6.82
CA VAL B 131 -24.88 -2.89 6.11
C VAL B 131 -25.51 -4.18 5.55
N VAL B 132 -24.71 -5.03 4.93
CA VAL B 132 -25.21 -6.29 4.39
C VAL B 132 -25.86 -7.10 5.51
N LEU B 133 -25.18 -7.21 6.64
CA LEU B 133 -25.67 -7.94 7.79
C LEU B 133 -27.03 -7.40 8.27
N THR B 134 -27.14 -6.08 8.33
CA THR B 134 -28.36 -5.41 8.78
C THR B 134 -29.52 -5.66 7.85
N VAL B 135 -29.27 -5.56 6.54
CA VAL B 135 -30.30 -5.80 5.55
C VAL B 135 -30.88 -7.22 5.70
N ALA B 136 -29.99 -8.18 5.93
CA ALA B 136 -30.41 -9.57 6.07
C ALA B 136 -31.12 -9.86 7.39
N ALA B 137 -30.79 -9.12 8.44
CA ALA B 137 -31.41 -9.35 9.74
C ALA B 137 -32.68 -8.55 10.02
N LEU B 138 -32.88 -7.47 9.27
CA LEU B 138 -34.03 -6.60 9.51
C LEU B 138 -35.38 -7.32 9.56
N PRO B 139 -35.65 -8.23 8.61
CA PRO B 139 -36.94 -8.93 8.66
C PRO B 139 -37.21 -9.56 10.02
N MET B 140 -36.23 -10.28 10.55
CA MET B 140 -36.37 -10.93 11.84
C MET B 140 -36.37 -9.92 13.00
N LEU B 141 -35.68 -8.80 12.82
CA LEU B 141 -35.62 -7.80 13.88
C LEU B 141 -36.95 -7.07 13.99
N LYS B 142 -37.63 -6.89 12.87
CA LYS B 142 -38.93 -6.23 12.86
C LYS B 142 -39.98 -7.11 13.53
N GLN B 143 -39.81 -8.43 13.38
CA GLN B 143 -40.73 -9.40 13.97
C GLN B 143 -40.76 -9.30 15.49
N SER B 144 -39.62 -8.94 16.08
CA SER B 144 -39.53 -8.86 17.52
C SER B 144 -39.22 -7.47 18.06
N ASN B 145 -39.36 -6.45 17.22
CA ASN B 145 -39.03 -5.08 17.63
C ASN B 145 -37.65 -5.18 18.28
N GLY B 146 -36.71 -5.76 17.53
CA GLY B 146 -35.35 -5.94 18.04
C GLY B 146 -34.44 -4.74 18.06
N SER B 147 -33.14 -5.00 18.11
CA SER B 147 -32.15 -3.95 18.18
C SER B 147 -30.87 -4.26 17.42
N ILE B 148 -30.23 -3.22 16.90
CA ILE B 148 -28.97 -3.35 16.19
C ILE B 148 -27.95 -2.61 17.05
N VAL B 149 -26.82 -3.24 17.35
CA VAL B 149 -25.77 -2.60 18.13
C VAL B 149 -24.52 -2.51 17.27
N VAL B 150 -24.12 -1.27 16.97
CA VAL B 150 -22.94 -1.02 16.15
C VAL B 150 -21.75 -0.54 16.99
N VAL B 151 -20.68 -1.33 17.01
CA VAL B 151 -19.51 -0.97 17.80
C VAL B 151 -18.57 -0.05 17.03
N SER B 152 -18.33 1.13 17.58
CA SER B 152 -17.45 2.10 16.94
C SER B 152 -16.31 2.50 17.85
N SER B 153 -15.76 3.69 17.65
CA SER B 153 -14.62 4.14 18.44
C SER B 153 -14.55 5.65 18.54
N LEU B 154 -13.71 6.14 19.44
CA LEU B 154 -13.52 7.57 19.58
C LEU B 154 -13.03 8.04 18.20
N ALA B 155 -12.31 7.17 17.50
CA ALA B 155 -11.78 7.50 16.17
C ALA B 155 -12.88 7.54 15.13
N GLY B 156 -14.11 7.30 15.57
CA GLY B 156 -15.26 7.34 14.70
C GLY B 156 -16.02 8.63 14.97
N LYS B 157 -15.53 9.43 15.92
CA LYS B 157 -16.19 10.70 16.26
C LYS B 157 -15.22 11.87 16.19
N VAL B 158 -13.93 11.56 16.30
CA VAL B 158 -12.87 12.55 16.26
C VAL B 158 -11.76 12.00 15.37
N ALA B 159 -10.94 12.89 14.80
CA ALA B 159 -9.85 12.46 13.92
C ALA B 159 -8.64 12.04 14.74
N TYR B 160 -7.83 11.13 14.21
CA TYR B 160 -6.66 10.64 14.92
C TYR B 160 -5.65 10.10 13.91
N PRO B 161 -4.36 10.46 14.06
CA PRO B 161 -3.30 10.01 13.15
C PRO B 161 -2.99 8.52 13.30
N MET B 162 -2.46 7.93 12.24
CA MET B 162 -2.09 6.51 12.22
C MET B 162 -3.26 5.54 12.03
N VAL B 163 -4.49 6.06 11.98
CA VAL B 163 -5.66 5.19 11.79
C VAL B 163 -6.66 5.78 10.79
N ALA B 164 -6.14 6.44 9.76
CA ALA B 164 -6.99 7.08 8.75
C ALA B 164 -8.06 6.16 8.15
N ALA B 165 -7.64 5.03 7.61
CA ALA B 165 -8.55 4.07 6.98
C ALA B 165 -9.61 3.59 7.98
N TYR B 166 -9.15 3.22 9.17
CA TYR B 166 -10.02 2.75 10.25
C TYR B 166 -11.02 3.84 10.63
N SER B 167 -10.52 5.04 10.85
CA SER B 167 -11.37 6.17 11.23
C SER B 167 -12.42 6.45 10.14
N ALA B 168 -12.00 6.41 8.89
CA ALA B 168 -12.92 6.64 7.79
C ALA B 168 -14.09 5.66 7.86
N SER B 169 -13.81 4.40 8.13
CA SER B 169 -14.85 3.38 8.19
C SER B 169 -15.78 3.52 9.39
N LYS B 170 -15.25 4.02 10.51
CA LYS B 170 -16.08 4.19 11.70
C LYS B 170 -16.95 5.44 11.53
N PHE B 171 -16.42 6.47 10.88
CA PHE B 171 -17.21 7.68 10.64
C PHE B 171 -18.37 7.26 9.73
N ALA B 172 -18.07 6.49 8.70
CA ALA B 172 -19.08 6.01 7.75
C ALA B 172 -20.23 5.33 8.48
N LEU B 173 -19.90 4.49 9.46
CA LEU B 173 -20.92 3.81 10.24
C LEU B 173 -21.86 4.84 10.89
N ASP B 174 -21.29 5.90 11.44
CA ASP B 174 -22.07 6.95 12.09
C ASP B 174 -23.04 7.59 11.12
N GLY B 175 -22.51 8.04 9.99
CA GLY B 175 -23.34 8.69 8.99
C GLY B 175 -24.45 7.77 8.51
N PHE B 176 -24.09 6.51 8.21
CA PHE B 176 -25.08 5.58 7.71
C PHE B 176 -26.14 5.17 8.73
N PHE B 177 -25.71 4.62 9.85
CA PHE B 177 -26.67 4.18 10.85
C PHE B 177 -27.45 5.29 11.54
N SER B 178 -26.88 6.49 11.62
CA SER B 178 -27.59 7.59 12.27
C SER B 178 -28.68 8.09 11.33
N SER B 179 -28.42 7.98 10.03
CA SER B 179 -29.38 8.41 9.01
C SER B 179 -30.51 7.40 8.95
N ILE B 180 -30.17 6.12 9.02
CA ILE B 180 -31.16 5.05 9.01
C ILE B 180 -32.09 5.17 10.22
N ARG B 181 -31.52 5.50 11.38
CA ARG B 181 -32.31 5.64 12.60
C ARG B 181 -33.40 6.69 12.35
N LYS B 182 -33.04 7.76 11.65
CA LYS B 182 -33.98 8.84 11.32
C LYS B 182 -35.11 8.31 10.45
N GLU B 183 -34.75 7.49 9.47
CA GLU B 183 -35.72 6.92 8.55
C GLU B 183 -36.69 5.98 9.28
N TYR B 184 -36.14 5.16 10.16
CA TYR B 184 -36.95 4.21 10.92
C TYR B 184 -38.01 4.87 11.80
N SER B 185 -37.65 5.98 12.45
CA SER B 185 -38.62 6.67 13.31
C SER B 185 -39.74 7.25 12.46
N VAL B 186 -39.42 7.64 11.23
CA VAL B 186 -40.41 8.20 10.33
C VAL B 186 -41.21 7.10 9.63
N SER B 187 -40.59 5.95 9.43
CA SER B 187 -41.23 4.81 8.77
C SER B 187 -41.92 3.83 9.70
N ARG B 188 -41.91 4.11 11.00
CA ARG B 188 -42.55 3.25 11.98
C ARG B 188 -41.79 1.93 12.12
N VAL B 189 -40.49 1.95 11.86
CA VAL B 189 -39.68 0.75 12.00
C VAL B 189 -39.16 0.73 13.41
N ASN B 190 -39.78 -0.09 14.26
CA ASN B 190 -39.39 -0.15 15.66
C ASN B 190 -38.19 -1.05 15.96
N VAL B 191 -37.07 -0.74 15.32
CA VAL B 191 -35.83 -1.47 15.53
C VAL B 191 -34.84 -0.40 15.99
N SER B 192 -34.31 -0.56 17.19
CA SER B 192 -33.38 0.43 17.72
C SER B 192 -31.98 0.26 17.17
N ILE B 193 -31.26 1.39 17.11
CA ILE B 193 -29.89 1.38 16.62
C ILE B 193 -29.02 2.05 17.67
N THR B 194 -28.07 1.29 18.21
CA THR B 194 -27.17 1.80 19.23
C THR B 194 -25.73 1.86 18.72
N LEU B 195 -25.15 3.06 18.67
CA LEU B 195 -23.78 3.25 18.22
C LEU B 195 -22.92 3.35 19.48
N CYS B 196 -21.91 2.49 19.58
CA CYS B 196 -21.05 2.48 20.75
C CYS B 196 -19.70 3.15 20.52
N VAL B 197 -19.49 4.27 21.20
CA VAL B 197 -18.25 5.03 21.07
C VAL B 197 -17.31 4.58 22.19
N LEU B 198 -16.32 3.77 21.82
CA LEU B 198 -15.36 3.23 22.77
C LEU B 198 -13.99 3.89 22.74
N GLY B 199 -13.41 4.08 23.92
CA GLY B 199 -12.08 4.63 24.01
C GLY B 199 -11.16 3.42 23.93
N LEU B 200 -9.89 3.59 24.27
CA LEU B 200 -8.94 2.48 24.22
C LEU B 200 -9.37 1.36 25.15
N ILE B 201 -9.42 0.13 24.64
CA ILE B 201 -9.82 -1.02 25.44
C ILE B 201 -8.71 -2.07 25.58
N ASP B 202 -8.68 -2.68 26.75
CA ASP B 202 -7.71 -3.68 27.19
C ASP B 202 -7.61 -5.00 26.40
N THR B 203 -8.04 -5.04 25.14
CA THR B 203 -7.95 -6.29 24.39
C THR B 203 -6.50 -6.62 24.03
N GLU B 204 -6.24 -7.90 23.81
CA GLU B 204 -4.89 -8.36 23.50
C GLU B 204 -4.34 -7.71 22.23
N THR B 205 -5.13 -7.72 21.16
CA THR B 205 -4.68 -7.15 19.89
C THR B 205 -4.46 -5.64 19.95
N ALA B 206 -5.35 -4.94 20.65
CA ALA B 206 -5.24 -3.47 20.76
C ALA B 206 -4.04 -3.08 21.62
N MET B 207 -3.83 -3.78 22.72
CA MET B 207 -2.72 -3.51 23.63
C MET B 207 -1.37 -3.71 22.95
N LYS B 208 -1.30 -4.65 22.01
CA LYS B 208 -0.06 -4.91 21.31
C LYS B 208 0.14 -3.97 20.12
N ALA B 209 -0.97 -3.52 19.54
CA ALA B 209 -0.91 -2.62 18.41
C ALA B 209 -0.49 -1.20 18.78
N VAL B 210 -0.85 -0.76 19.99
CA VAL B 210 -0.51 0.59 20.42
C VAL B 210 0.74 0.69 21.28
N SER B 211 1.32 -0.46 21.62
CA SER B 211 2.51 -0.49 22.47
C SER B 211 3.58 0.50 22.02
N GLY B 212 3.96 1.42 22.91
CA GLY B 212 4.98 2.39 22.58
C GLY B 212 4.54 3.49 21.61
N ILE B 213 3.24 3.61 21.39
CA ILE B 213 2.74 4.64 20.48
C ILE B 213 1.64 5.48 21.15
N VAL B 214 0.60 4.83 21.63
CA VAL B 214 -0.50 5.53 22.29
C VAL B 214 -0.34 5.45 23.80
N HIS B 215 -0.36 6.60 24.46
CA HIS B 215 -0.19 6.65 25.91
C HIS B 215 -1.47 7.02 26.65
N MET B 216 -2.44 6.10 26.66
CA MET B 216 -3.70 6.34 27.36
C MET B 216 -4.05 5.10 28.15
N GLN B 217 -4.83 5.29 29.22
CA GLN B 217 -5.24 4.18 30.06
C GLN B 217 -6.28 3.32 29.34
N ALA B 218 -6.02 2.03 29.27
CA ALA B 218 -6.93 1.10 28.61
C ALA B 218 -8.01 0.63 29.58
N ALA B 219 -9.27 0.79 29.19
CA ALA B 219 -10.38 0.37 30.02
C ALA B 219 -10.53 -1.14 29.93
N PRO B 220 -11.15 -1.76 30.96
CA PRO B 220 -11.34 -3.22 30.97
C PRO B 220 -12.34 -3.69 29.93
N LYS B 221 -11.98 -4.73 29.18
CA LYS B 221 -12.87 -5.25 28.15
C LYS B 221 -14.12 -5.89 28.74
N GLU B 222 -14.00 -6.50 29.90
CA GLU B 222 -15.15 -7.14 30.54
C GLU B 222 -16.26 -6.12 30.81
N GLU B 223 -15.91 -5.00 31.43
CA GLU B 223 -16.90 -3.96 31.74
C GLU B 223 -17.40 -3.30 30.46
N CYS B 224 -16.51 -3.13 29.49
CA CYS B 224 -16.86 -2.51 28.22
C CYS B 224 -17.95 -3.32 27.53
N ALA B 225 -17.76 -4.63 27.48
CA ALA B 225 -18.72 -5.52 26.86
C ALA B 225 -20.09 -5.44 27.53
N LEU B 226 -20.10 -5.30 28.85
CA LEU B 226 -21.36 -5.22 29.58
C LEU B 226 -22.16 -3.96 29.22
N GLU B 227 -21.47 -2.82 29.18
CA GLU B 227 -22.14 -1.57 28.86
C GLU B 227 -22.73 -1.57 27.45
N ILE B 228 -22.04 -2.21 26.52
CA ILE B 228 -22.55 -2.26 25.16
C ILE B 228 -23.88 -3.01 25.19
N ILE B 229 -23.89 -4.15 25.86
CA ILE B 229 -25.11 -4.97 25.97
C ILE B 229 -26.25 -4.15 26.58
N LYS B 230 -25.97 -3.53 27.72
CA LYS B 230 -26.97 -2.73 28.44
C LYS B 230 -27.52 -1.61 27.56
N GLY B 231 -26.64 -0.91 26.86
CA GLY B 231 -27.06 0.16 25.99
C GLY B 231 -27.94 -0.34 24.87
N GLY B 232 -27.65 -1.56 24.42
CA GLY B 232 -28.45 -2.15 23.36
C GLY B 232 -29.80 -2.56 23.91
N ALA B 233 -29.80 -3.14 25.11
CA ALA B 233 -31.03 -3.58 25.75
C ALA B 233 -31.96 -2.40 26.03
N LEU B 234 -31.38 -1.31 26.48
CA LEU B 234 -32.15 -0.10 26.81
C LEU B 234 -32.52 0.68 25.56
N ARG B 235 -32.03 0.21 24.42
CA ARG B 235 -32.31 0.86 23.14
C ARG B 235 -31.78 2.29 23.10
N GLN B 236 -30.61 2.51 23.70
CA GLN B 236 -29.97 3.83 23.73
C GLN B 236 -29.33 4.11 22.37
N GLU B 237 -29.53 5.32 21.86
CA GLU B 237 -28.97 5.68 20.57
C GLU B 237 -27.44 5.63 20.56
N GLU B 238 -26.84 6.05 21.68
CA GLU B 238 -25.38 6.06 21.78
C GLU B 238 -24.85 5.67 23.15
N VAL B 239 -23.76 4.91 23.15
CA VAL B 239 -23.10 4.49 24.37
C VAL B 239 -21.68 5.07 24.31
N TYR B 240 -21.30 5.78 25.36
CA TYR B 240 -19.97 6.38 25.44
C TYR B 240 -19.24 5.67 26.58
N TYR B 241 -18.10 5.07 26.27
CA TYR B 241 -17.33 4.36 27.28
C TYR B 241 -15.84 4.59 27.12
N ASP B 242 -15.27 5.29 28.09
CA ASP B 242 -13.84 5.60 28.10
C ASP B 242 -13.45 5.72 29.57
N SER B 243 -12.21 5.33 29.90
CA SER B 243 -11.76 5.41 31.28
C SER B 243 -11.63 6.85 31.78
N SER B 244 -11.45 7.80 30.87
CA SER B 244 -11.32 9.21 31.25
C SER B 244 -12.65 9.95 31.29
N LEU B 245 -12.84 10.79 32.31
CA LEU B 245 -14.06 11.57 32.44
C LEU B 245 -14.10 12.72 31.44
N TRP B 246 -12.92 13.27 31.13
CA TRP B 246 -12.83 14.37 30.17
C TRP B 246 -13.13 13.89 28.75
N THR B 247 -12.64 12.69 28.41
CA THR B 247 -12.88 12.15 27.08
C THR B 247 -14.37 11.85 26.91
N THR B 248 -14.97 11.29 27.96
CA THR B 248 -16.37 10.94 27.93
C THR B 248 -17.26 12.16 27.68
N LEU B 249 -16.87 13.30 28.25
CA LEU B 249 -17.64 14.52 28.08
C LEU B 249 -17.42 15.19 26.71
N LEU B 250 -16.16 15.36 26.35
CA LEU B 250 -15.80 16.01 25.09
C LEU B 250 -16.11 15.22 23.82
N ILE B 251 -16.38 13.92 23.97
CA ILE B 251 -16.67 13.08 22.81
C ILE B 251 -18.12 13.28 22.35
N ARG B 252 -18.92 13.92 23.18
CA ARG B 252 -20.33 14.18 22.85
C ARG B 252 -20.39 15.42 21.94
N ASN B 253 -21.46 15.54 21.16
CA ASN B 253 -21.61 16.68 20.26
C ASN B 253 -22.97 17.30 20.46
N PRO B 254 -23.09 18.18 21.47
CA PRO B 254 -24.34 18.87 21.79
C PRO B 254 -24.91 19.71 20.65
N SER B 255 -24.03 20.26 19.82
CA SER B 255 -24.46 21.09 18.71
C SER B 255 -25.19 20.24 17.69
N ARG B 256 -24.68 19.04 17.46
CA ARG B 256 -25.30 18.13 16.50
C ARG B 256 -26.66 17.67 16.99
N LYS B 257 -26.77 17.39 18.28
CA LYS B 257 -28.05 16.95 18.83
C LYS B 257 -29.09 18.04 18.69
N ILE B 258 -28.70 19.28 18.98
CA ILE B 258 -29.62 20.40 18.85
C ILE B 258 -30.04 20.58 17.40
N LEU B 259 -29.07 20.72 16.51
CA LEU B 259 -29.32 20.90 15.09
C LEU B 259 -30.23 19.81 14.51
N GLU B 260 -29.99 18.55 14.88
CA GLU B 260 -30.80 17.45 14.37
C GLU B 260 -32.23 17.45 14.93
N PHE B 261 -32.37 17.70 16.23
CA PHE B 261 -33.70 17.74 16.82
C PHE B 261 -34.51 18.83 16.12
N LEU B 262 -33.85 19.95 15.85
CA LEU B 262 -34.52 21.06 15.19
C LEU B 262 -34.97 20.66 13.79
N TYR B 263 -34.13 19.93 13.07
CA TYR B 263 -34.48 19.50 11.72
C TYR B 263 -35.65 18.52 11.72
N SER B 264 -35.61 17.52 12.59
CA SER B 264 -36.67 16.53 12.65
C SER B 264 -38.00 17.14 13.10
N GLU C 9 42.80 3.08 -23.30
CA GLU C 9 43.29 4.32 -22.64
C GLU C 9 42.28 5.45 -22.73
N PHE C 10 41.83 5.94 -21.58
CA PHE C 10 40.88 7.04 -21.52
C PHE C 10 41.56 8.35 -21.83
N ARG C 11 40.83 9.25 -22.47
CA ARG C 11 41.33 10.59 -22.81
C ARG C 11 40.19 11.56 -22.54
N PRO C 12 40.44 12.59 -21.72
CA PRO C 12 39.43 13.60 -21.38
C PRO C 12 38.66 14.17 -22.56
N GLU C 13 39.32 14.26 -23.73
CA GLU C 13 38.67 14.81 -24.92
C GLU C 13 37.43 14.02 -25.30
N MET C 14 37.34 12.78 -24.84
CA MET C 14 36.20 11.92 -25.14
C MET C 14 34.89 12.47 -24.55
N LEU C 15 34.99 13.38 -23.59
CA LEU C 15 33.79 13.94 -22.97
C LEU C 15 33.51 15.40 -23.27
N GLN C 16 34.42 16.09 -23.94
CA GLN C 16 34.18 17.49 -24.23
C GLN C 16 32.96 17.62 -25.14
N GLY C 17 32.02 18.49 -24.76
CA GLY C 17 30.84 18.67 -25.57
C GLY C 17 29.76 17.61 -25.40
N LYS C 18 30.03 16.57 -24.61
CA LYS C 18 29.04 15.52 -24.39
C LYS C 18 27.95 16.02 -23.44
N LYS C 19 26.73 15.53 -23.63
CA LYS C 19 25.59 15.93 -22.82
C LYS C 19 25.32 14.85 -21.78
N VAL C 20 25.64 15.17 -20.52
CA VAL C 20 25.48 14.20 -19.45
C VAL C 20 24.64 14.63 -18.25
N ILE C 21 23.81 13.70 -17.81
CA ILE C 21 22.95 13.89 -16.64
C ILE C 21 23.60 13.14 -15.49
N VAL C 22 23.65 13.77 -14.31
CA VAL C 22 24.20 13.10 -13.14
C VAL C 22 23.19 13.26 -12.00
N THR C 23 22.70 12.16 -11.46
CA THR C 23 21.75 12.22 -10.37
C THR C 23 22.50 12.02 -9.06
N GLY C 24 21.91 12.48 -7.96
CA GLY C 24 22.57 12.38 -6.67
C GLY C 24 23.89 13.11 -6.78
N ALA C 25 23.85 14.30 -7.37
CA ALA C 25 25.07 15.08 -7.60
C ALA C 25 25.33 16.25 -6.65
N SER C 26 24.53 16.38 -5.60
CA SER C 26 24.74 17.47 -4.66
C SER C 26 25.94 17.21 -3.76
N LYS C 27 26.34 15.95 -3.63
CA LYS C 27 27.48 15.63 -2.80
C LYS C 27 28.05 14.24 -3.08
N GLY C 28 29.02 13.84 -2.26
CA GLY C 28 29.63 12.54 -2.42
C GLY C 28 30.18 12.28 -3.81
N ILE C 29 30.04 11.03 -4.26
CA ILE C 29 30.52 10.62 -5.57
C ILE C 29 29.89 11.38 -6.72
N GLY C 30 28.59 11.63 -6.65
CA GLY C 30 27.92 12.34 -7.73
C GLY C 30 28.52 13.71 -7.94
N ARG C 31 28.78 14.43 -6.85
CA ARG C 31 29.35 15.76 -6.95
C ARG C 31 30.70 15.71 -7.63
N GLU C 32 31.54 14.74 -7.23
CA GLU C 32 32.86 14.61 -7.83
C GLU C 32 32.76 14.29 -9.31
N MET C 33 31.78 13.49 -9.70
CA MET C 33 31.63 13.15 -11.11
C MET C 33 31.28 14.41 -11.90
N ALA C 34 30.39 15.24 -11.36
CA ALA C 34 29.99 16.47 -12.03
C ALA C 34 31.24 17.34 -12.27
N TYR C 35 32.07 17.45 -11.24
CA TYR C 35 33.28 18.25 -11.33
C TYR C 35 34.23 17.73 -12.40
N HIS C 36 34.41 16.41 -12.44
CA HIS C 36 35.28 15.83 -13.46
C HIS C 36 34.73 16.10 -14.85
N LEU C 37 33.42 15.95 -15.01
CA LEU C 37 32.78 16.19 -16.30
C LEU C 37 32.95 17.65 -16.71
N ALA C 38 32.85 18.53 -15.72
CA ALA C 38 32.99 19.97 -15.96
C ALA C 38 34.39 20.28 -16.47
N LYS C 39 35.39 19.66 -15.85
CA LYS C 39 36.79 19.89 -16.23
C LYS C 39 37.08 19.37 -17.63
N MET C 40 36.30 18.41 -18.09
CA MET C 40 36.46 17.83 -19.42
C MET C 40 35.68 18.63 -20.47
N GLY C 41 35.01 19.69 -20.03
CA GLY C 41 34.25 20.49 -20.97
C GLY C 41 32.97 19.86 -21.46
N ALA C 42 32.30 19.10 -20.60
CA ALA C 42 31.05 18.47 -21.00
C ALA C 42 29.89 19.38 -20.60
N HIS C 43 28.71 19.10 -21.14
CA HIS C 43 27.50 19.84 -20.79
C HIS C 43 26.95 18.97 -19.65
N VAL C 44 26.56 19.58 -18.55
CA VAL C 44 26.04 18.78 -17.45
C VAL C 44 24.78 19.33 -16.80
N VAL C 45 23.88 18.40 -16.47
CA VAL C 45 22.65 18.73 -15.76
C VAL C 45 22.69 17.81 -14.54
N VAL C 46 22.75 18.42 -13.36
CA VAL C 46 22.80 17.66 -12.13
C VAL C 46 21.49 17.79 -11.36
N THR C 47 21.17 16.77 -10.58
CA THR C 47 19.95 16.80 -9.79
C THR C 47 20.16 16.18 -8.41
N ALA C 48 19.26 16.53 -7.51
CA ALA C 48 19.23 16.08 -6.12
C ALA C 48 18.10 16.88 -5.48
N ARG C 49 17.89 16.70 -4.18
CA ARG C 49 16.82 17.42 -3.51
C ARG C 49 17.23 18.84 -3.06
N SER C 50 18.46 19.00 -2.60
CA SER C 50 18.94 20.30 -2.10
C SER C 50 19.27 21.35 -3.17
N LYS C 51 18.32 22.24 -3.40
CA LYS C 51 18.47 23.32 -4.39
C LYS C 51 19.71 24.14 -4.08
N GLU C 52 19.87 24.52 -2.82
CA GLU C 52 21.00 25.32 -2.37
C GLU C 52 22.35 24.72 -2.77
N THR C 53 22.57 23.47 -2.36
CA THR C 53 23.83 22.79 -2.64
C THR C 53 24.05 22.56 -4.13
N LEU C 54 22.97 22.34 -4.87
CA LEU C 54 23.08 22.13 -6.31
C LEU C 54 23.60 23.38 -7.00
N GLN C 55 23.15 24.56 -6.56
CA GLN C 55 23.60 25.80 -7.17
C GLN C 55 25.12 25.93 -6.99
N LYS C 56 25.62 25.56 -5.82
CA LYS C 56 27.05 25.63 -5.56
C LYS C 56 27.78 24.75 -6.56
N VAL C 57 27.27 23.54 -6.75
CA VAL C 57 27.86 22.59 -7.68
C VAL C 57 27.87 23.18 -9.09
N VAL C 58 26.73 23.70 -9.50
CA VAL C 58 26.60 24.30 -10.84
C VAL C 58 27.56 25.48 -11.04
N SER C 59 27.67 26.34 -10.03
CA SER C 59 28.56 27.49 -10.12
C SER C 59 30.00 27.02 -10.27
N HIS C 60 30.38 26.04 -9.45
CA HIS C 60 31.74 25.52 -9.50
C HIS C 60 32.03 24.79 -10.80
N CYS C 61 31.03 24.10 -11.34
CA CYS C 61 31.20 23.38 -12.59
C CYS C 61 31.57 24.39 -13.67
N LEU C 62 30.88 25.52 -13.68
CA LEU C 62 31.14 26.57 -14.65
C LEU C 62 32.55 27.12 -14.51
N GLU C 63 33.02 27.24 -13.27
CA GLU C 63 34.36 27.74 -13.00
C GLU C 63 35.41 26.75 -13.45
N LEU C 64 35.06 25.46 -13.41
CA LEU C 64 35.99 24.41 -13.81
C LEU C 64 36.09 24.29 -15.32
N GLY C 65 35.13 24.86 -16.04
CA GLY C 65 35.17 24.82 -17.48
C GLY C 65 34.09 24.00 -18.17
N ALA C 66 32.94 23.82 -17.53
CA ALA C 66 31.86 23.07 -18.13
C ALA C 66 31.34 23.79 -19.38
N ALA C 67 30.90 23.03 -20.38
CA ALA C 67 30.37 23.63 -21.59
C ALA C 67 29.11 24.39 -21.19
N SER C 68 28.34 23.80 -20.28
CA SER C 68 27.12 24.41 -19.77
C SER C 68 26.76 23.57 -18.56
N ALA C 69 26.12 24.17 -17.56
CA ALA C 69 25.75 23.44 -16.36
C ALA C 69 24.47 23.99 -15.77
N HIS C 70 23.55 23.08 -15.47
CA HIS C 70 22.26 23.45 -14.88
C HIS C 70 21.87 22.40 -13.85
N TYR C 71 20.94 22.78 -12.97
CA TYR C 71 20.43 21.85 -11.98
C TYR C 71 18.91 21.90 -11.98
N ILE C 72 18.30 20.80 -11.57
CA ILE C 72 16.85 20.70 -11.46
C ILE C 72 16.66 19.90 -10.18
N ALA C 73 16.10 20.54 -9.15
CA ALA C 73 15.92 19.88 -7.86
C ALA C 73 14.62 19.11 -7.70
N GLY C 74 14.69 17.97 -7.01
CA GLY C 74 13.51 17.16 -6.79
C GLY C 74 13.87 15.83 -6.16
N THR C 75 12.88 15.13 -5.63
CA THR C 75 13.12 13.84 -5.00
C THR C 75 12.76 12.70 -5.94
N MET C 76 13.61 11.67 -5.96
CA MET C 76 13.37 10.52 -6.82
C MET C 76 12.35 9.54 -6.26
N GLU C 77 11.65 9.92 -5.20
CA GLU C 77 10.60 9.07 -4.65
C GLU C 77 9.40 9.34 -5.55
N ASP C 78 9.42 10.50 -6.19
CA ASP C 78 8.37 10.97 -7.09
C ASP C 78 8.67 10.58 -8.53
N MET C 79 8.05 9.51 -9.00
CA MET C 79 8.27 9.01 -10.35
C MET C 79 7.87 9.99 -11.46
N THR C 80 6.92 10.88 -11.19
CA THR C 80 6.54 11.84 -12.22
C THR C 80 7.66 12.87 -12.39
N PHE C 81 8.34 13.18 -11.29
CA PHE C 81 9.46 14.12 -11.37
C PHE C 81 10.64 13.49 -12.09
N ALA C 82 10.88 12.20 -11.83
CA ALA C 82 11.99 11.51 -12.46
C ALA C 82 11.79 11.57 -13.97
N GLU C 83 10.56 11.29 -14.39
CA GLU C 83 10.19 11.28 -15.80
C GLU C 83 10.37 12.68 -16.43
N GLN C 84 9.77 13.68 -15.83
CA GLN C 84 9.85 15.06 -16.33
C GLN C 84 11.26 15.62 -16.30
N PHE C 85 12.03 15.20 -15.30
CA PHE C 85 13.40 15.66 -15.16
C PHE C 85 14.27 15.45 -16.41
N VAL C 86 14.31 14.23 -16.92
CA VAL C 86 15.14 13.96 -18.09
C VAL C 86 14.62 14.69 -19.31
N ALA C 87 13.31 14.94 -19.35
CA ALA C 87 12.71 15.69 -20.46
C ALA C 87 13.25 17.11 -20.45
N GLN C 88 13.22 17.75 -19.28
CA GLN C 88 13.73 19.11 -19.15
C GLN C 88 15.24 19.16 -19.33
N ALA C 89 15.93 18.13 -18.83
CA ALA C 89 17.38 18.07 -18.94
C ALA C 89 17.80 17.95 -20.40
N GLY C 90 17.13 17.07 -21.14
CA GLY C 90 17.44 16.89 -22.54
C GLY C 90 17.19 18.16 -23.35
N LYS C 91 16.15 18.90 -23.00
CA LYS C 91 15.83 20.14 -23.71
C LYS C 91 16.91 21.18 -23.47
N LEU C 92 17.35 21.31 -22.22
CA LEU C 92 18.38 22.27 -21.86
C LEU C 92 19.69 22.04 -22.60
N MET C 93 20.10 20.78 -22.73
CA MET C 93 21.35 20.46 -23.40
C MET C 93 21.14 20.15 -24.89
N GLY C 94 19.87 20.06 -25.30
CA GLY C 94 19.59 19.76 -26.69
C GLY C 94 19.97 18.34 -27.06
N GLY C 95 19.82 17.43 -26.10
CA GLY C 95 20.15 16.04 -26.34
C GLY C 95 20.70 15.36 -25.09
N LEU C 96 21.12 14.11 -25.23
CA LEU C 96 21.66 13.37 -24.11
C LEU C 96 22.55 12.26 -24.62
N ASP C 97 23.79 12.23 -24.12
CA ASP C 97 24.76 11.22 -24.53
C ASP C 97 25.03 10.21 -23.42
N MET C 98 24.94 10.64 -22.17
CA MET C 98 25.21 9.74 -21.06
C MET C 98 24.33 10.03 -19.86
N LEU C 99 23.77 8.96 -19.31
CA LEU C 99 22.90 9.05 -18.15
C LEU C 99 23.57 8.35 -16.98
N ILE C 100 23.99 9.10 -15.97
CA ILE C 100 24.66 8.52 -14.81
C ILE C 100 23.67 8.51 -13.64
N LEU C 101 23.24 7.30 -13.28
CA LEU C 101 22.28 7.04 -12.20
C LEU C 101 23.08 6.72 -10.95
N ASN C 102 23.08 7.66 -10.02
CA ASN C 102 23.91 7.55 -8.81
C ASN C 102 23.20 7.67 -7.45
N HIS C 103 22.08 8.37 -7.39
CA HIS C 103 21.35 8.56 -6.13
C HIS C 103 20.86 7.29 -5.43
N ILE C 104 20.63 7.41 -4.12
CA ILE C 104 20.09 6.32 -3.31
C ILE C 104 19.38 6.99 -2.14
N THR C 105 18.41 6.29 -1.56
CA THR C 105 17.71 6.86 -0.42
C THR C 105 18.61 6.74 0.80
N ASN C 106 18.44 7.64 1.76
CA ASN C 106 19.25 7.63 2.96
C ASN C 106 19.20 6.23 3.60
N THR C 107 20.36 5.68 3.91
CA THR C 107 20.41 4.34 4.50
C THR C 107 21.47 4.19 5.58
N SER C 108 21.09 3.58 6.70
CA SER C 108 22.00 3.34 7.81
C SER C 108 22.05 1.84 8.08
N LEU C 109 23.15 1.39 8.67
CA LEU C 109 23.36 0.00 9.00
C LEU C 109 22.51 -0.41 10.20
N ASN C 110 21.77 -1.51 10.07
CA ASN C 110 20.90 -2.01 11.14
C ASN C 110 20.44 -3.41 10.77
N LEU C 111 20.13 -4.21 11.78
CA LEU C 111 19.65 -5.57 11.52
C LEU C 111 18.21 -5.43 11.01
N PHE C 112 17.80 -6.32 10.12
CA PHE C 112 16.44 -6.26 9.62
C PHE C 112 15.49 -6.90 10.62
N HIS C 113 14.44 -6.18 10.98
CA HIS C 113 13.46 -6.71 11.91
C HIS C 113 12.07 -6.67 11.27
N ASP C 114 11.49 -5.49 11.13
CA ASP C 114 10.16 -5.39 10.55
C ASP C 114 9.93 -4.09 9.78
N ASP C 115 11.01 -3.39 9.46
CA ASP C 115 10.90 -2.12 8.73
C ASP C 115 10.61 -2.36 7.25
N ILE C 116 9.38 -2.78 6.96
CA ILE C 116 8.96 -3.04 5.59
C ILE C 116 8.93 -1.73 4.79
N HIS C 117 8.77 -0.63 5.50
CA HIS C 117 8.72 0.69 4.88
C HIS C 117 10.06 1.04 4.22
N HIS C 118 11.15 0.78 4.92
CA HIS C 118 12.49 1.07 4.40
C HIS C 118 12.85 0.17 3.23
N VAL C 119 12.39 -1.08 3.25
CA VAL C 119 12.69 -2.00 2.17
C VAL C 119 11.99 -1.53 0.90
N ARG C 120 10.71 -1.16 1.01
CA ARG C 120 9.97 -0.68 -0.15
C ARG C 120 10.51 0.66 -0.64
N LYS C 121 10.88 1.55 0.26
CA LYS C 121 11.42 2.84 -0.16
C LYS C 121 12.76 2.65 -0.86
N SER C 122 13.55 1.69 -0.37
CA SER C 122 14.85 1.40 -0.99
C SER C 122 14.61 0.89 -2.41
N MET C 123 13.62 0.03 -2.58
CA MET C 123 13.34 -0.51 -3.91
C MET C 123 12.84 0.62 -4.82
N GLU C 124 12.00 1.50 -4.28
CA GLU C 124 11.44 2.61 -5.03
C GLU C 124 12.49 3.60 -5.53
N VAL C 125 13.29 4.12 -4.60
CA VAL C 125 14.31 5.11 -4.94
C VAL C 125 15.58 4.55 -5.57
N ASN C 126 16.12 3.49 -5.00
CA ASN C 126 17.34 2.88 -5.49
C ASN C 126 17.19 2.04 -6.75
N PHE C 127 15.98 1.54 -7.00
CA PHE C 127 15.76 0.70 -8.17
C PHE C 127 14.72 1.17 -9.18
N LEU C 128 13.48 1.33 -8.75
CA LEU C 128 12.43 1.75 -9.68
C LEU C 128 12.70 3.08 -10.37
N SER C 129 13.15 4.09 -9.62
CA SER C 129 13.41 5.39 -10.20
C SER C 129 14.47 5.31 -11.30
N TYR C 130 15.43 4.38 -11.15
CA TYR C 130 16.46 4.20 -12.19
C TYR C 130 15.79 3.71 -13.45
N VAL C 131 14.79 2.84 -13.29
CA VAL C 131 14.07 2.31 -14.44
C VAL C 131 13.24 3.41 -15.11
N VAL C 132 12.53 4.21 -14.33
CA VAL C 132 11.72 5.30 -14.88
C VAL C 132 12.62 6.29 -15.62
N LEU C 133 13.75 6.61 -15.02
CA LEU C 133 14.74 7.53 -15.60
C LEU C 133 15.20 6.98 -16.95
N THR C 134 15.57 5.71 -16.98
CA THR C 134 16.03 5.09 -18.21
C THR C 134 14.97 5.10 -19.31
N VAL C 135 13.74 4.76 -18.96
CA VAL C 135 12.67 4.76 -19.96
C VAL C 135 12.52 6.16 -20.58
N ALA C 136 12.61 7.18 -19.74
CA ALA C 136 12.47 8.56 -20.18
C ALA C 136 13.65 9.05 -21.02
N ALA C 137 14.83 8.49 -20.78
CA ALA C 137 16.04 8.90 -21.50
C ALA C 137 16.38 8.11 -22.76
N LEU C 138 15.83 6.91 -22.87
CA LEU C 138 16.13 6.04 -24.01
C LEU C 138 16.02 6.66 -25.40
N PRO C 139 14.88 7.31 -25.72
CA PRO C 139 14.74 7.91 -27.05
C PRO C 139 15.95 8.78 -27.44
N MET C 140 16.37 9.68 -26.54
CA MET C 140 17.53 10.52 -26.82
C MET C 140 18.83 9.69 -26.88
N LEU C 141 18.94 8.70 -26.00
CA LEU C 141 20.14 7.86 -25.97
C LEU C 141 20.26 7.02 -27.24
N LYS C 142 19.12 6.60 -27.79
CA LYS C 142 19.15 5.81 -29.02
C LYS C 142 19.62 6.72 -30.15
N GLN C 143 19.21 7.98 -30.12
CA GLN C 143 19.61 8.92 -31.16
C GLN C 143 21.11 9.13 -31.16
N SER C 144 21.68 9.34 -29.99
CA SER C 144 23.11 9.58 -29.88
C SER C 144 23.92 8.29 -29.76
N ASN C 145 23.23 7.15 -29.66
CA ASN C 145 23.90 5.86 -29.45
C ASN C 145 24.70 6.08 -28.15
N GLY C 146 24.00 6.62 -27.16
CA GLY C 146 24.62 6.94 -25.89
C GLY C 146 24.96 5.82 -24.91
N SER C 147 25.05 6.20 -23.64
CA SER C 147 25.39 5.26 -22.58
C SER C 147 24.61 5.47 -21.29
N ILE C 148 24.40 4.38 -20.56
CA ILE C 148 23.71 4.43 -19.27
C ILE C 148 24.70 3.91 -18.24
N VAL C 149 24.93 4.68 -17.18
CA VAL C 149 25.87 4.28 -16.12
C VAL C 149 25.08 4.09 -14.84
N VAL C 150 25.11 2.87 -14.32
CA VAL C 150 24.39 2.49 -13.11
C VAL C 150 25.38 2.27 -11.98
N VAL C 151 25.32 3.12 -10.95
CA VAL C 151 26.24 2.96 -9.82
C VAL C 151 25.68 1.93 -8.83
N SER C 152 26.47 0.88 -8.58
CA SER C 152 26.05 -0.16 -7.65
C SER C 152 27.09 -0.28 -6.53
N SER C 153 27.15 -1.46 -5.92
CA SER C 153 28.06 -1.68 -4.80
C SER C 153 28.51 -3.13 -4.67
N LEU C 154 29.50 -3.37 -3.82
CA LEU C 154 29.94 -4.74 -3.56
C LEU C 154 28.73 -5.48 -2.99
N ALA C 155 27.91 -4.76 -2.24
CA ALA C 155 26.71 -5.35 -1.63
C ALA C 155 25.64 -5.62 -2.67
N GLY C 156 25.96 -5.33 -3.92
CA GLY C 156 25.05 -5.60 -5.02
C GLY C 156 25.52 -6.83 -5.78
N LYS C 157 26.64 -7.41 -5.32
CA LYS C 157 27.22 -8.61 -5.94
C LYS C 157 27.42 -9.76 -4.94
N VAL C 158 27.62 -9.43 -3.66
CA VAL C 158 27.74 -10.45 -2.63
C VAL C 158 26.89 -9.98 -1.46
N ALA C 159 26.51 -10.90 -0.58
CA ALA C 159 25.67 -10.55 0.56
C ALA C 159 26.49 -9.93 1.69
N TYR C 160 25.84 -9.10 2.49
CA TYR C 160 26.52 -8.44 3.60
C TYR C 160 25.46 -8.06 4.64
N PRO C 161 25.71 -8.38 5.92
CA PRO C 161 24.75 -8.06 6.98
C PRO C 161 24.55 -6.56 7.23
N MET C 162 23.38 -6.21 7.78
CA MET C 162 23.07 -4.82 8.13
C MET C 162 22.64 -3.91 6.98
N VAL C 163 22.64 -4.43 5.75
CA VAL C 163 22.24 -3.63 4.59
C VAL C 163 21.36 -4.49 3.68
N ALA C 164 20.51 -5.32 4.28
CA ALA C 164 19.65 -6.22 3.52
C ALA C 164 18.79 -5.51 2.49
N ALA C 165 18.07 -4.46 2.91
CA ALA C 165 17.21 -3.72 1.99
C ALA C 165 18.04 -3.08 0.88
N TYR C 166 19.13 -2.43 1.27
CA TYR C 166 20.03 -1.78 0.32
C TYR C 166 20.60 -2.81 -0.67
N SER C 167 21.07 -3.94 -0.13
CA SER C 167 21.64 -5.00 -0.95
C SER C 167 20.59 -5.50 -1.95
N ALA C 168 19.38 -5.69 -1.45
CA ALA C 168 18.30 -6.16 -2.31
C ALA C 168 18.09 -5.23 -3.51
N SER C 169 18.11 -3.92 -3.28
CA SER C 169 17.89 -2.96 -4.37
C SER C 169 19.05 -2.94 -5.36
N LYS C 170 20.28 -3.15 -4.89
CA LYS C 170 21.42 -3.15 -5.79
C LYS C 170 21.43 -4.45 -6.59
N PHE C 171 21.07 -5.56 -5.95
CA PHE C 171 21.01 -6.84 -6.67
C PHE C 171 19.96 -6.68 -7.79
N ALA C 172 18.83 -6.07 -7.45
CA ALA C 172 17.76 -5.86 -8.44
C ALA C 172 18.29 -5.09 -9.65
N LEU C 173 19.09 -4.07 -9.41
CA LEU C 173 19.68 -3.28 -10.50
C LEU C 173 20.43 -4.17 -11.47
N ASP C 174 21.23 -5.08 -10.93
CA ASP C 174 22.03 -6.00 -11.74
C ASP C 174 21.13 -6.86 -12.60
N GLY C 175 20.16 -7.52 -11.96
CA GLY C 175 19.26 -8.39 -12.72
C GLY C 175 18.51 -7.66 -13.81
N PHE C 176 18.02 -6.46 -13.51
CA PHE C 176 17.27 -5.71 -14.52
C PHE C 176 18.13 -5.15 -15.66
N PHE C 177 19.15 -4.39 -15.32
CA PHE C 177 19.99 -3.81 -16.34
C PHE C 177 20.84 -4.80 -17.12
N SER C 178 21.26 -5.88 -16.48
CA SER C 178 22.05 -6.88 -17.20
C SER C 178 21.16 -7.62 -18.18
N SER C 179 19.88 -7.72 -17.83
CA SER C 179 18.91 -8.39 -18.71
C SER C 179 18.58 -7.48 -19.90
N ILE C 180 18.31 -6.20 -19.65
CA ILE C 180 18.00 -5.33 -20.78
C ILE C 180 19.22 -5.11 -21.67
N ARG C 181 20.42 -5.35 -21.14
CA ARG C 181 21.63 -5.21 -21.95
C ARG C 181 21.57 -6.27 -23.04
N LYS C 182 21.20 -7.49 -22.66
CA LYS C 182 21.09 -8.57 -23.61
C LYS C 182 19.94 -8.32 -24.59
N GLU C 183 18.89 -7.66 -24.11
CA GLU C 183 17.75 -7.33 -24.97
C GLU C 183 18.17 -6.30 -26.01
N TYR C 184 18.98 -5.33 -25.62
CA TYR C 184 19.44 -4.29 -26.54
C TYR C 184 20.33 -4.87 -27.63
N SER C 185 21.08 -5.91 -27.29
CA SER C 185 21.93 -6.55 -28.28
C SER C 185 21.04 -7.19 -29.33
N VAL C 186 20.00 -7.87 -28.85
CA VAL C 186 19.04 -8.56 -29.72
C VAL C 186 18.28 -7.61 -30.66
N SER C 187 17.70 -6.57 -30.09
CA SER C 187 16.92 -5.60 -30.85
C SER C 187 17.71 -4.43 -31.40
N ARG C 188 19.02 -4.60 -31.46
CA ARG C 188 19.94 -3.58 -31.96
C ARG C 188 19.77 -2.17 -31.39
N VAL C 189 19.67 -2.07 -30.07
CA VAL C 189 19.59 -0.78 -29.40
C VAL C 189 21.06 -0.49 -29.10
N ASN C 190 21.63 0.43 -29.85
CA ASN C 190 23.05 0.78 -29.72
C ASN C 190 23.35 1.70 -28.55
N VAL C 191 22.92 1.29 -27.36
CA VAL C 191 23.15 2.06 -26.14
C VAL C 191 23.90 1.16 -25.15
N SER C 192 25.01 1.66 -24.62
CA SER C 192 25.79 0.86 -23.67
C SER C 192 25.28 1.01 -22.24
N ILE C 193 25.47 -0.05 -21.46
CA ILE C 193 25.04 -0.07 -20.06
C ILE C 193 26.24 -0.51 -19.23
N THR C 194 26.66 0.36 -18.31
CA THR C 194 27.80 0.10 -17.46
C THR C 194 27.36 -0.02 -16.00
N LEU C 195 27.70 -1.13 -15.35
CA LEU C 195 27.35 -1.33 -13.95
C LEU C 195 28.64 -1.14 -13.13
N CYS C 196 28.59 -0.23 -12.17
CA CYS C 196 29.76 0.04 -11.36
C CYS C 196 29.67 -0.59 -9.99
N VAL C 197 30.57 -1.54 -9.73
CA VAL C 197 30.61 -2.25 -8.47
C VAL C 197 31.66 -1.57 -7.59
N LEU C 198 31.19 -0.75 -6.67
CA LEU C 198 32.07 0.02 -5.77
C LEU C 198 32.21 -0.53 -4.36
N GLY C 199 33.45 -0.53 -3.86
CA GLY C 199 33.70 -0.97 -2.50
C GLY C 199 33.47 0.26 -1.64
N LEU C 200 33.92 0.25 -0.38
CA LEU C 200 33.71 1.41 0.47
C LEU C 200 34.39 2.66 -0.07
N ILE C 201 33.65 3.77 -0.12
CA ILE C 201 34.19 5.04 -0.62
C ILE C 201 34.12 6.09 0.49
N ASP C 202 35.17 6.90 0.60
CA ASP C 202 35.26 7.91 1.66
C ASP C 202 34.32 9.11 1.61
N THR C 203 33.06 8.91 1.23
CA THR C 203 32.12 10.03 1.21
C THR C 203 31.71 10.30 2.66
N GLU C 204 31.35 11.54 2.98
CA GLU C 204 30.94 11.90 4.34
C GLU C 204 29.85 11.02 4.88
N THR C 205 28.81 10.84 4.09
CA THR C 205 27.66 10.02 4.46
C THR C 205 28.08 8.60 4.83
N ALA C 206 28.80 7.94 3.93
CA ALA C 206 29.22 6.56 4.17
C ALA C 206 30.14 6.42 5.39
N MET C 207 31.12 7.29 5.52
CA MET C 207 32.04 7.21 6.65
C MET C 207 31.31 7.32 7.98
N LYS C 208 30.32 8.22 8.03
CA LYS C 208 29.55 8.42 9.25
C LYS C 208 28.65 7.21 9.58
N ALA C 209 28.06 6.61 8.55
CA ALA C 209 27.18 5.47 8.77
C ALA C 209 27.93 4.19 9.12
N VAL C 210 29.16 4.08 8.64
CA VAL C 210 29.99 2.91 8.84
C VAL C 210 30.90 2.96 10.08
N SER C 211 30.99 4.13 10.70
CA SER C 211 31.85 4.33 11.87
C SER C 211 31.64 3.32 13.02
N GLY C 212 32.71 2.62 13.38
CA GLY C 212 32.65 1.66 14.46
C GLY C 212 32.01 0.33 14.13
N ILE C 213 31.56 0.16 12.89
CA ILE C 213 30.92 -1.07 12.46
C ILE C 213 31.73 -1.81 11.42
N VAL C 214 31.92 -1.19 10.26
CA VAL C 214 32.68 -1.78 9.18
C VAL C 214 34.13 -1.34 9.27
N HIS C 215 35.06 -2.29 9.18
CA HIS C 215 36.48 -1.97 9.28
C HIS C 215 37.29 -2.30 8.03
N MET C 216 37.03 -1.59 6.94
CA MET C 216 37.77 -1.79 5.71
C MET C 216 38.22 -0.43 5.19
N GLN C 217 39.27 -0.42 4.39
CA GLN C 217 39.79 0.83 3.84
C GLN C 217 38.82 1.46 2.85
N ALA C 218 38.57 2.76 3.01
CA ALA C 218 37.68 3.48 2.11
C ALA C 218 38.52 4.12 1.02
N ALA C 219 38.10 3.97 -0.23
CA ALA C 219 38.80 4.55 -1.38
C ALA C 219 38.43 6.02 -1.55
N PRO C 220 39.29 6.80 -2.22
CA PRO C 220 39.02 8.22 -2.44
C PRO C 220 37.88 8.44 -3.43
N LYS C 221 36.95 9.33 -3.09
CA LYS C 221 35.79 9.60 -3.92
C LYS C 221 36.13 10.27 -5.25
N GLU C 222 37.18 11.08 -5.27
CA GLU C 222 37.57 11.77 -6.51
C GLU C 222 38.02 10.75 -7.54
N GLU C 223 38.84 9.79 -7.12
CA GLU C 223 39.32 8.77 -8.03
C GLU C 223 38.17 7.83 -8.43
N CYS C 224 37.31 7.52 -7.47
CA CYS C 224 36.16 6.65 -7.71
C CYS C 224 35.29 7.25 -8.81
N ALA C 225 35.00 8.54 -8.69
CA ALA C 225 34.18 9.24 -9.66
C ALA C 225 34.81 9.19 -11.06
N LEU C 226 36.13 9.39 -11.12
CA LEU C 226 36.82 9.36 -12.41
C LEU C 226 36.69 7.99 -13.07
N GLU C 227 36.86 6.93 -12.26
CA GLU C 227 36.78 5.56 -12.78
C GLU C 227 35.41 5.22 -13.32
N ILE C 228 34.38 5.76 -12.71
CA ILE C 228 33.01 5.52 -13.16
C ILE C 228 32.85 6.16 -14.55
N ILE C 229 33.21 7.43 -14.63
CA ILE C 229 33.13 8.17 -15.89
C ILE C 229 33.93 7.49 -17.00
N LYS C 230 35.14 7.04 -16.68
CA LYS C 230 35.97 6.38 -17.68
C LYS C 230 35.30 5.10 -18.19
N GLY C 231 34.79 4.29 -17.27
CA GLY C 231 34.13 3.05 -17.67
C GLY C 231 32.95 3.30 -18.58
N GLY C 232 32.21 4.38 -18.33
CA GLY C 232 31.07 4.70 -19.16
C GLY C 232 31.51 5.23 -20.52
N ALA C 233 32.50 6.11 -20.52
CA ALA C 233 33.00 6.67 -21.77
C ALA C 233 33.56 5.56 -22.65
N LEU C 234 34.11 4.52 -22.03
CA LEU C 234 34.67 3.40 -22.76
C LEU C 234 33.62 2.32 -23.03
N ARG C 235 32.40 2.55 -22.57
CA ARG C 235 31.29 1.62 -22.77
C ARG C 235 31.56 0.20 -22.24
N GLN C 236 32.19 0.11 -21.08
CA GLN C 236 32.50 -1.17 -20.46
C GLN C 236 31.22 -1.69 -19.80
N GLU C 237 31.06 -3.01 -19.79
CA GLU C 237 29.86 -3.56 -19.18
C GLU C 237 29.88 -3.41 -17.67
N GLU C 238 31.03 -3.60 -17.04
CA GLU C 238 31.12 -3.44 -15.59
C GLU C 238 32.42 -2.74 -15.19
N VAL C 239 32.36 -1.98 -14.11
CA VAL C 239 33.52 -1.29 -13.57
C VAL C 239 33.66 -1.80 -12.15
N TYR C 240 34.87 -2.23 -11.78
CA TYR C 240 35.11 -2.73 -10.43
C TYR C 240 36.10 -1.79 -9.77
N TYR C 241 35.68 -1.18 -8.67
CA TYR C 241 36.55 -0.25 -7.98
C TYR C 241 36.51 -0.49 -6.48
N ASP C 242 37.65 -0.92 -5.96
CA ASP C 242 37.83 -1.19 -4.55
C ASP C 242 39.31 -0.97 -4.26
N SER C 243 39.63 -0.63 -3.03
CA SER C 243 41.03 -0.39 -2.67
C SER C 243 41.80 -1.71 -2.58
N SER C 244 41.09 -2.81 -2.36
CA SER C 244 41.73 -4.11 -2.24
C SER C 244 41.86 -4.88 -3.56
N LEU C 245 43.05 -5.42 -3.81
CA LEU C 245 43.31 -6.19 -5.01
C LEU C 245 42.55 -7.51 -4.97
N TRP C 246 42.44 -8.07 -3.76
CA TRP C 246 41.74 -9.33 -3.55
C TRP C 246 40.24 -9.16 -3.79
N THR C 247 39.68 -8.11 -3.20
CA THR C 247 38.26 -7.83 -3.36
C THR C 247 37.96 -7.57 -4.84
N THR C 248 38.75 -6.71 -5.46
CA THR C 248 38.57 -6.39 -6.87
C THR C 248 38.52 -7.64 -7.74
N LEU C 249 39.27 -8.67 -7.37
CA LEU C 249 39.31 -9.92 -8.11
C LEU C 249 38.18 -10.90 -7.80
N LEU C 250 37.80 -11.00 -6.52
CA LEU C 250 36.76 -11.93 -6.11
C LEU C 250 35.34 -11.41 -6.33
N ILE C 251 35.23 -10.13 -6.67
CA ILE C 251 33.93 -9.53 -6.90
C ILE C 251 33.47 -9.89 -8.32
N ARG C 252 34.38 -10.40 -9.14
CA ARG C 252 34.08 -10.81 -10.51
C ARG C 252 33.46 -12.20 -10.48
N ASN C 253 32.71 -12.55 -11.53
CA ASN C 253 32.07 -13.87 -11.60
C ASN C 253 32.34 -14.46 -12.97
N PRO C 254 33.49 -15.15 -13.12
CA PRO C 254 33.84 -15.76 -14.42
C PRO C 254 32.83 -16.81 -14.89
N SER C 255 32.22 -17.53 -13.96
CA SER C 255 31.25 -18.57 -14.31
C SER C 255 30.00 -17.99 -14.98
N ARG C 256 29.51 -16.88 -14.45
CA ARG C 256 28.32 -16.22 -15.00
C ARG C 256 28.64 -15.73 -16.41
N LYS C 257 29.83 -15.18 -16.60
CA LYS C 257 30.23 -14.68 -17.91
C LYS C 257 30.26 -15.80 -18.93
N ILE C 258 30.75 -16.97 -18.52
CA ILE C 258 30.81 -18.11 -19.42
C ILE C 258 29.41 -18.61 -19.75
N LEU C 259 28.62 -18.86 -18.71
CA LEU C 259 27.27 -19.37 -18.88
C LEU C 259 26.42 -18.44 -19.76
N GLU C 260 26.54 -17.14 -19.54
CA GLU C 260 25.78 -16.19 -20.33
C GLU C 260 26.24 -16.13 -21.79
N PHE C 261 27.55 -16.26 -22.03
CA PHE C 261 28.04 -16.23 -23.40
C PHE C 261 27.45 -17.42 -24.13
N LEU C 262 27.50 -18.58 -23.50
CA LEU C 262 26.94 -19.79 -24.08
C LEU C 262 25.46 -19.60 -24.39
N TYR C 263 24.72 -19.02 -23.45
CA TYR C 263 23.30 -18.79 -23.66
C TYR C 263 23.01 -17.84 -24.82
N GLU D 8 22.82 -37.22 7.43
CA GLU D 8 22.56 -35.99 6.63
C GLU D 8 21.89 -36.32 5.30
N GLU D 9 21.14 -37.41 5.28
CA GLU D 9 20.43 -37.86 4.08
C GLU D 9 18.94 -37.64 4.29
N PHE D 10 18.26 -37.16 3.25
CA PHE D 10 16.81 -36.91 3.34
C PHE D 10 15.98 -38.17 3.54
N ARG D 11 15.08 -38.11 4.51
CA ARG D 11 14.18 -39.21 4.82
C ARG D 11 12.78 -38.62 4.75
N PRO D 12 11.89 -39.19 3.92
CA PRO D 12 10.53 -38.67 3.81
C PRO D 12 9.82 -38.52 5.16
N GLU D 13 10.28 -39.27 6.15
CA GLU D 13 9.69 -39.22 7.49
C GLU D 13 9.97 -37.87 8.14
N MET D 14 11.01 -37.18 7.66
CA MET D 14 11.39 -35.88 8.21
C MET D 14 10.28 -34.84 8.14
N LEU D 15 9.31 -35.05 7.25
CA LEU D 15 8.22 -34.10 7.12
C LEU D 15 6.90 -34.56 7.71
N GLN D 16 6.92 -35.74 8.30
CA GLN D 16 5.74 -36.32 8.94
C GLN D 16 5.34 -35.45 10.12
N GLY D 17 4.09 -34.98 10.12
CA GLY D 17 3.62 -34.15 11.22
C GLY D 17 4.11 -32.71 11.18
N LYS D 18 4.91 -32.36 10.18
CA LYS D 18 5.43 -31.00 10.05
C LYS D 18 4.36 -30.03 9.58
N LYS D 19 4.43 -28.80 10.07
CA LYS D 19 3.45 -27.76 9.72
C LYS D 19 4.05 -26.87 8.64
N VAL D 20 3.52 -27.00 7.43
CA VAL D 20 4.02 -26.26 6.28
C VAL D 20 3.05 -25.38 5.50
N ILE D 21 3.53 -24.19 5.15
CA ILE D 21 2.77 -23.25 4.35
C ILE D 21 3.37 -23.30 2.95
N VAL D 22 2.53 -23.35 1.94
CA VAL D 22 3.01 -23.35 0.56
C VAL D 22 2.22 -22.29 -0.20
N THR D 23 2.90 -21.26 -0.69
CA THR D 23 2.20 -20.21 -1.43
C THR D 23 2.20 -20.54 -2.92
N GLY D 24 1.30 -19.92 -3.66
CA GLY D 24 1.21 -20.17 -5.10
C GLY D 24 1.08 -21.67 -5.33
N ALA D 25 0.22 -22.31 -4.55
CA ALA D 25 0.06 -23.77 -4.64
C ALA D 25 -1.17 -24.30 -5.37
N SER D 26 -1.85 -23.46 -6.14
CA SER D 26 -3.02 -23.94 -6.84
C SER D 26 -2.62 -24.61 -8.15
N LYS D 27 -1.39 -24.36 -8.57
CA LYS D 27 -0.88 -24.94 -9.81
C LYS D 27 0.64 -25.05 -9.82
N GLY D 28 1.14 -25.65 -10.90
CA GLY D 28 2.56 -25.81 -11.10
C GLY D 28 3.38 -26.43 -9.98
N ILE D 29 4.56 -25.87 -9.76
CA ILE D 29 5.48 -26.35 -8.74
C ILE D 29 4.86 -26.33 -7.35
N GLY D 30 4.20 -25.23 -7.00
CA GLY D 30 3.58 -25.12 -5.69
C GLY D 30 2.61 -26.25 -5.42
N ARG D 31 1.79 -26.59 -6.41
CA ARG D 31 0.82 -27.67 -6.26
C ARG D 31 1.55 -28.99 -6.03
N GLU D 32 2.57 -29.27 -6.84
CA GLU D 32 3.34 -30.51 -6.69
C GLU D 32 3.96 -30.63 -5.31
N MET D 33 4.43 -29.51 -4.77
CA MET D 33 5.03 -29.53 -3.44
C MET D 33 3.95 -29.85 -2.40
N ALA D 34 2.76 -29.29 -2.58
CA ALA D 34 1.68 -29.57 -1.65
C ALA D 34 1.43 -31.07 -1.68
N TYR D 35 1.31 -31.64 -2.88
CA TYR D 35 1.05 -33.08 -3.02
C TYR D 35 2.14 -33.94 -2.40
N HIS D 36 3.40 -33.55 -2.59
CA HIS D 36 4.50 -34.31 -2.02
C HIS D 36 4.43 -34.28 -0.50
N LEU D 37 4.19 -33.08 0.05
CA LEU D 37 4.11 -32.91 1.49
C LEU D 37 2.96 -33.74 2.07
N ALA D 38 1.87 -33.83 1.30
CA ALA D 38 0.70 -34.60 1.72
C ALA D 38 1.07 -36.08 1.83
N LYS D 39 1.66 -36.62 0.77
CA LYS D 39 2.05 -38.04 0.75
C LYS D 39 2.95 -38.33 1.94
N MET D 40 3.68 -37.31 2.38
CA MET D 40 4.60 -37.45 3.49
C MET D 40 3.95 -37.29 4.86
N GLY D 41 2.65 -37.03 4.87
CA GLY D 41 1.94 -36.90 6.13
C GLY D 41 2.12 -35.58 6.87
N ALA D 42 2.45 -34.53 6.14
CA ALA D 42 2.64 -33.22 6.75
C ALA D 42 1.30 -32.50 6.88
N HIS D 43 1.30 -31.41 7.64
CA HIS D 43 0.13 -30.56 7.80
C HIS D 43 0.41 -29.49 6.75
N VAL D 44 -0.56 -29.20 5.89
CA VAL D 44 -0.35 -28.20 4.85
C VAL D 44 -1.46 -27.14 4.78
N VAL D 45 -1.04 -25.91 4.51
CA VAL D 45 -1.98 -24.81 4.32
C VAL D 45 -1.49 -24.19 3.00
N VAL D 46 -2.33 -24.22 1.98
CA VAL D 46 -1.96 -23.67 0.69
C VAL D 46 -2.72 -22.38 0.41
N THR D 47 -2.14 -21.53 -0.43
CA THR D 47 -2.78 -20.27 -0.76
C THR D 47 -2.46 -19.89 -2.21
N ALA D 48 -3.32 -19.03 -2.74
CA ALA D 48 -3.25 -18.52 -4.10
C ALA D 48 -4.52 -17.68 -4.17
N ARG D 49 -4.79 -17.10 -5.34
CA ARG D 49 -5.98 -16.26 -5.49
C ARG D 49 -7.25 -17.05 -5.82
N SER D 50 -7.10 -18.14 -6.57
CA SER D 50 -8.24 -18.94 -7.00
C SER D 50 -8.80 -19.96 -6.01
N LYS D 51 -9.97 -19.66 -5.47
CA LYS D 51 -10.63 -20.52 -4.50
C LYS D 51 -10.98 -21.89 -5.08
N GLU D 52 -11.57 -21.91 -6.27
CA GLU D 52 -11.97 -23.15 -6.93
C GLU D 52 -10.80 -24.11 -7.15
N THR D 53 -9.67 -23.58 -7.60
CA THR D 53 -8.49 -24.41 -7.85
C THR D 53 -7.89 -24.90 -6.53
N LEU D 54 -7.86 -24.02 -5.53
CA LEU D 54 -7.31 -24.37 -4.22
C LEU D 54 -8.12 -25.48 -3.55
N GLN D 55 -9.43 -25.50 -3.79
CA GLN D 55 -10.29 -26.53 -3.22
C GLN D 55 -9.85 -27.89 -3.77
N LYS D 56 -9.55 -27.91 -5.07
CA LYS D 56 -9.12 -29.15 -5.73
C LYS D 56 -7.83 -29.68 -5.16
N VAL D 57 -6.90 -28.80 -4.85
CA VAL D 57 -5.60 -29.23 -4.30
C VAL D 57 -5.75 -29.78 -2.89
N VAL D 58 -6.54 -29.10 -2.06
CA VAL D 58 -6.76 -29.55 -0.69
C VAL D 58 -7.41 -30.94 -0.70
N SER D 59 -8.46 -31.12 -1.49
CA SER D 59 -9.15 -32.40 -1.57
C SER D 59 -8.18 -33.52 -1.96
N HIS D 60 -7.33 -33.24 -2.95
CA HIS D 60 -6.36 -34.24 -3.41
C HIS D 60 -5.32 -34.52 -2.33
N CYS D 61 -4.92 -33.48 -1.59
CA CYS D 61 -3.94 -33.65 -0.53
C CYS D 61 -4.51 -34.60 0.53
N LEU D 62 -5.78 -34.43 0.85
CA LEU D 62 -6.43 -35.28 1.85
C LEU D 62 -6.41 -36.75 1.42
N GLU D 63 -6.79 -37.01 0.17
CA GLU D 63 -6.80 -38.39 -0.29
C GLU D 63 -5.37 -38.93 -0.45
N LEU D 64 -4.38 -38.04 -0.50
CA LEU D 64 -2.99 -38.46 -0.63
C LEU D 64 -2.38 -38.81 0.73
N GLY D 65 -3.02 -38.38 1.81
CA GLY D 65 -2.52 -38.72 3.12
C GLY D 65 -2.02 -37.58 3.99
N ALA D 66 -2.44 -36.35 3.71
CA ALA D 66 -2.00 -35.20 4.51
C ALA D 66 -2.55 -35.32 5.94
N ALA D 67 -1.72 -34.95 6.92
CA ALA D 67 -2.15 -34.99 8.32
C ALA D 67 -3.36 -34.07 8.43
N SER D 68 -3.33 -33.00 7.62
CA SER D 68 -4.42 -32.04 7.54
C SER D 68 -4.08 -31.12 6.38
N ALA D 69 -5.10 -30.56 5.75
CA ALA D 69 -4.88 -29.67 4.62
C ALA D 69 -5.96 -28.60 4.58
N HIS D 70 -5.55 -27.35 4.38
CA HIS D 70 -6.47 -26.24 4.31
C HIS D 70 -5.97 -25.24 3.28
N TYR D 71 -6.87 -24.38 2.81
CA TYR D 71 -6.50 -23.35 1.86
C TYR D 71 -7.11 -22.03 2.31
N ILE D 72 -6.47 -20.93 1.93
CA ILE D 72 -6.94 -19.60 2.24
C ILE D 72 -6.64 -18.81 0.96
N ALA D 73 -7.68 -18.29 0.32
CA ALA D 73 -7.54 -17.54 -0.91
C ALA D 73 -7.27 -16.05 -0.68
N GLY D 74 -6.42 -15.47 -1.53
CA GLY D 74 -6.10 -14.06 -1.42
C GLY D 74 -5.01 -13.67 -2.39
N THR D 75 -4.80 -12.37 -2.58
CA THR D 75 -3.76 -11.90 -3.49
C THR D 75 -2.58 -11.34 -2.72
N MET D 76 -1.38 -11.73 -3.14
CA MET D 76 -0.18 -11.26 -2.48
C MET D 76 0.20 -9.82 -2.86
N GLU D 77 -0.69 -9.14 -3.57
CA GLU D 77 -0.46 -7.74 -3.93
C GLU D 77 -0.93 -6.95 -2.73
N ASP D 78 -1.71 -7.62 -1.88
CA ASP D 78 -2.27 -7.04 -0.68
C ASP D 78 -1.43 -7.45 0.54
N MET D 79 -0.54 -6.55 0.95
CA MET D 79 0.35 -6.83 2.07
C MET D 79 -0.36 -7.15 3.39
N THR D 80 -1.59 -6.65 3.58
CA THR D 80 -2.30 -6.96 4.82
C THR D 80 -2.79 -8.41 4.77
N PHE D 81 -3.12 -8.88 3.58
CA PHE D 81 -3.56 -10.26 3.44
C PHE D 81 -2.40 -11.18 3.77
N ALA D 82 -1.24 -10.90 3.18
CA ALA D 82 -0.05 -11.71 3.40
C ALA D 82 0.23 -11.83 4.89
N GLU D 83 0.28 -10.69 5.56
CA GLU D 83 0.55 -10.64 6.99
C GLU D 83 -0.47 -11.46 7.78
N GLN D 84 -1.75 -11.30 7.47
CA GLN D 84 -2.81 -12.04 8.17
C GLN D 84 -2.87 -13.51 7.80
N PHE D 85 -2.58 -13.82 6.54
CA PHE D 85 -2.59 -15.19 6.07
C PHE D 85 -1.71 -16.08 6.94
N VAL D 86 -0.50 -15.59 7.25
CA VAL D 86 0.43 -16.36 8.06
C VAL D 86 -0.14 -16.65 9.43
N ALA D 87 -0.74 -15.63 10.05
CA ALA D 87 -1.33 -15.78 11.37
C ALA D 87 -2.45 -16.83 11.34
N GLN D 88 -3.31 -16.75 10.33
CA GLN D 88 -4.42 -17.70 10.21
C GLN D 88 -3.95 -19.13 9.93
N ALA D 89 -2.97 -19.28 9.05
CA ALA D 89 -2.44 -20.59 8.71
C ALA D 89 -1.79 -21.18 9.96
N GLY D 90 -1.16 -20.32 10.75
CA GLY D 90 -0.50 -20.76 11.96
C GLY D 90 -1.50 -21.33 12.96
N LYS D 91 -2.66 -20.69 13.06
CA LYS D 91 -3.69 -21.16 13.99
C LYS D 91 -4.32 -22.46 13.50
N LEU D 92 -4.46 -22.60 12.18
CA LEU D 92 -5.04 -23.81 11.61
C LEU D 92 -4.19 -25.04 11.87
N MET D 93 -2.88 -24.84 11.99
CA MET D 93 -1.95 -25.96 12.21
C MET D 93 -1.40 -26.02 13.61
N GLY D 94 -1.56 -24.94 14.38
CA GLY D 94 -1.04 -24.92 15.72
C GLY D 94 0.44 -24.67 15.73
N GLY D 95 0.91 -23.87 14.77
CA GLY D 95 2.33 -23.58 14.69
C GLY D 95 2.79 -23.55 13.24
N LEU D 96 4.10 -23.39 13.04
CA LEU D 96 4.67 -23.35 11.70
C LEU D 96 6.10 -23.88 11.73
N ASP D 97 6.38 -24.87 10.88
CA ASP D 97 7.72 -25.45 10.79
C ASP D 97 8.48 -25.03 9.55
N MET D 98 7.76 -24.87 8.44
CA MET D 98 8.41 -24.50 7.20
C MET D 98 7.54 -23.57 6.38
N LEU D 99 8.16 -22.51 5.84
CA LEU D 99 7.47 -21.51 5.03
C LEU D 99 8.05 -21.53 3.62
N ILE D 100 7.27 -22.05 2.68
CA ILE D 100 7.70 -22.12 1.29
C ILE D 100 7.10 -21.00 0.45
N LEU D 101 7.94 -20.03 0.10
CA LEU D 101 7.53 -18.87 -0.69
C LEU D 101 7.76 -19.23 -2.16
N ASN D 102 6.65 -19.42 -2.87
CA ASN D 102 6.69 -19.88 -4.26
C ASN D 102 5.96 -19.04 -5.31
N HIS D 103 4.90 -18.35 -4.91
CA HIS D 103 4.10 -17.52 -5.83
C HIS D 103 4.86 -16.40 -6.56
N ILE D 104 4.32 -15.99 -7.71
CA ILE D 104 4.87 -14.89 -8.51
C ILE D 104 3.71 -14.29 -9.29
N THR D 105 3.84 -13.03 -9.70
CA THR D 105 2.78 -12.40 -10.48
C THR D 105 2.86 -12.97 -11.90
N ASN D 106 1.75 -12.93 -12.62
CA ASN D 106 1.73 -13.44 -13.99
C ASN D 106 2.84 -12.77 -14.78
N THR D 107 3.67 -13.57 -15.44
CA THR D 107 4.78 -13.04 -16.23
C THR D 107 4.90 -13.74 -17.58
N SER D 108 5.13 -12.95 -18.61
CA SER D 108 5.32 -13.49 -19.96
C SER D 108 6.57 -12.84 -20.53
N LEU D 109 7.18 -13.51 -21.50
CA LEU D 109 8.38 -12.97 -22.11
C LEU D 109 8.10 -11.85 -23.10
N ASN D 110 8.78 -10.74 -22.93
CA ASN D 110 8.62 -9.56 -23.77
C ASN D 110 9.79 -8.62 -23.57
N LEU D 111 10.20 -7.94 -24.65
CA LEU D 111 11.28 -6.98 -24.54
C LEU D 111 10.79 -5.87 -23.61
N PHE D 112 11.67 -5.34 -22.78
CA PHE D 112 11.23 -4.27 -21.91
C PHE D 112 11.15 -2.97 -22.71
N HIS D 113 10.04 -2.26 -22.55
CA HIS D 113 9.87 -0.99 -23.27
C HIS D 113 9.49 0.10 -22.28
N ASP D 114 8.24 0.13 -21.84
CA ASP D 114 7.84 1.15 -20.89
C ASP D 114 6.82 0.69 -19.87
N ASP D 115 6.68 -0.62 -19.70
CA ASP D 115 5.72 -1.15 -18.73
C ASP D 115 6.29 -1.09 -17.31
N ILE D 116 6.38 0.11 -16.78
CA ILE D 116 6.89 0.33 -15.43
C ILE D 116 5.93 -0.33 -14.43
N HIS D 117 4.65 -0.42 -14.79
CA HIS D 117 3.65 -1.03 -13.93
C HIS D 117 3.99 -2.48 -13.63
N HIS D 118 4.42 -3.23 -14.65
CA HIS D 118 4.78 -4.62 -14.47
C HIS D 118 6.06 -4.74 -13.63
N VAL D 119 6.96 -3.78 -13.78
CA VAL D 119 8.19 -3.81 -13.00
C VAL D 119 7.88 -3.68 -11.52
N ARG D 120 7.06 -2.70 -11.17
CA ARG D 120 6.67 -2.47 -9.78
C ARG D 120 5.85 -3.63 -9.23
N LYS D 121 4.95 -4.14 -10.05
CA LYS D 121 4.09 -5.25 -9.68
C LYS D 121 4.95 -6.47 -9.38
N SER D 122 5.95 -6.70 -10.23
CA SER D 122 6.84 -7.84 -10.03
C SER D 122 7.62 -7.75 -8.73
N MET D 123 8.10 -6.55 -8.41
CA MET D 123 8.85 -6.34 -7.16
C MET D 123 7.93 -6.47 -5.95
N GLU D 124 6.69 -6.01 -6.08
CA GLU D 124 5.73 -6.08 -4.98
C GLU D 124 5.34 -7.52 -4.65
N VAL D 125 4.92 -8.25 -5.68
CA VAL D 125 4.48 -9.63 -5.52
C VAL D 125 5.60 -10.65 -5.37
N ASN D 126 6.60 -10.59 -6.24
CA ASN D 126 7.70 -11.54 -6.22
C ASN D 126 8.72 -11.30 -5.11
N PHE D 127 8.85 -10.05 -4.66
CA PHE D 127 9.82 -9.73 -3.64
C PHE D 127 9.28 -9.22 -2.31
N LEU D 128 8.63 -8.06 -2.35
CA LEU D 128 8.11 -7.48 -1.12
C LEU D 128 7.15 -8.37 -0.33
N SER D 129 6.26 -9.09 -1.00
CA SER D 129 5.35 -9.95 -0.25
C SER D 129 6.12 -11.06 0.46
N TYR D 130 7.24 -11.49 -0.12
CA TYR D 130 8.05 -12.53 0.52
C TYR D 130 8.63 -12.00 1.82
N VAL D 131 9.05 -10.73 1.81
CA VAL D 131 9.61 -10.09 3.00
C VAL D 131 8.52 -9.96 4.07
N VAL D 132 7.32 -9.60 3.65
CA VAL D 132 6.20 -9.44 4.59
C VAL D 132 5.84 -10.77 5.23
N LEU D 133 5.73 -11.81 4.41
CA LEU D 133 5.39 -13.15 4.89
C LEU D 133 6.42 -13.64 5.90
N THR D 134 7.70 -13.35 5.63
CA THR D 134 8.79 -13.78 6.51
C THR D 134 8.74 -13.08 7.85
N VAL D 135 8.43 -11.77 7.83
CA VAL D 135 8.34 -11.02 9.08
C VAL D 135 7.16 -11.55 9.90
N ALA D 136 6.08 -11.88 9.22
CA ALA D 136 4.89 -12.38 9.90
C ALA D 136 5.09 -13.79 10.47
N ALA D 137 5.92 -14.59 9.80
CA ALA D 137 6.16 -15.96 10.22
C ALA D 137 7.33 -16.19 11.15
N LEU D 138 8.23 -15.22 11.26
CA LEU D 138 9.43 -15.41 12.09
C LEU D 138 9.20 -15.87 13.52
N PRO D 139 8.31 -15.19 14.27
CA PRO D 139 8.08 -15.63 15.66
C PRO D 139 7.83 -17.14 15.77
N MET D 140 6.88 -17.67 14.98
CA MET D 140 6.59 -19.09 15.01
C MET D 140 7.79 -19.92 14.55
N LEU D 141 8.46 -19.47 13.49
CA LEU D 141 9.61 -20.20 12.98
C LEU D 141 10.72 -20.21 14.04
N LYS D 142 10.85 -19.11 14.78
CA LYS D 142 11.86 -19.03 15.83
C LYS D 142 11.58 -20.06 16.93
N GLN D 143 10.29 -20.25 17.23
CA GLN D 143 9.87 -21.20 18.27
C GLN D 143 10.08 -22.66 17.88
N SER D 144 10.02 -22.95 16.59
CA SER D 144 10.20 -24.32 16.13
C SER D 144 11.54 -24.52 15.43
N ASN D 145 12.41 -23.51 15.51
CA ASN D 145 13.71 -23.57 14.82
C ASN D 145 13.40 -24.07 13.40
N GLY D 146 12.39 -23.45 12.80
CA GLY D 146 11.94 -23.83 11.47
C GLY D 146 12.81 -23.41 10.29
N SER D 147 12.20 -23.33 9.11
CA SER D 147 12.94 -23.00 7.91
C SER D 147 12.11 -22.17 6.93
N ILE D 148 12.80 -21.40 6.11
CA ILE D 148 12.17 -20.60 5.09
C ILE D 148 12.74 -21.08 3.76
N VAL D 149 11.86 -21.38 2.82
CA VAL D 149 12.28 -21.84 1.52
C VAL D 149 11.87 -20.78 0.50
N VAL D 150 12.86 -20.22 -0.19
CA VAL D 150 12.63 -19.17 -1.17
C VAL D 150 12.88 -19.71 -2.58
N VAL D 151 11.80 -19.82 -3.36
CA VAL D 151 11.92 -20.33 -4.72
C VAL D 151 12.35 -19.24 -5.68
N SER D 152 13.48 -19.46 -6.34
CA SER D 152 14.00 -18.49 -7.30
C SER D 152 14.24 -19.12 -8.67
N SER D 153 15.16 -18.57 -9.43
CA SER D 153 15.38 -19.07 -10.79
C SER D 153 16.81 -18.87 -11.28
N LEU D 154 17.11 -19.46 -12.44
CA LEU D 154 18.41 -19.28 -13.07
C LEU D 154 18.51 -17.78 -13.33
N ALA D 155 17.38 -17.18 -13.69
CA ALA D 155 17.31 -15.75 -13.98
C ALA D 155 17.47 -14.90 -12.71
N GLY D 156 17.63 -15.58 -11.58
CA GLY D 156 17.87 -14.88 -10.34
C GLY D 156 19.36 -14.97 -9.99
N LYS D 157 20.16 -15.56 -10.88
CA LYS D 157 21.60 -15.71 -10.66
C LYS D 157 22.44 -15.18 -11.83
N VAL D 158 21.86 -15.22 -13.03
CA VAL D 158 22.53 -14.71 -14.21
C VAL D 158 21.47 -13.94 -14.99
N ALA D 159 21.89 -13.09 -15.92
CA ALA D 159 20.96 -12.28 -16.70
C ALA D 159 20.36 -13.05 -17.86
N TYR D 160 19.17 -12.65 -18.28
CA TYR D 160 18.48 -13.31 -19.39
C TYR D 160 17.54 -12.30 -20.05
N PRO D 161 17.57 -12.22 -21.39
CA PRO D 161 16.71 -11.29 -22.10
C PRO D 161 15.23 -11.66 -21.98
N MET D 162 14.36 -10.65 -22.10
CA MET D 162 12.91 -10.81 -22.07
C MET D 162 12.23 -11.12 -20.74
N VAL D 163 13.00 -11.12 -19.65
CA VAL D 163 12.44 -11.36 -18.33
C VAL D 163 13.12 -10.40 -17.35
N ALA D 164 13.39 -9.18 -17.80
CA ALA D 164 14.07 -8.19 -16.96
C ALA D 164 13.40 -7.89 -15.62
N ALA D 165 12.09 -7.63 -15.65
CA ALA D 165 11.37 -7.31 -14.41
C ALA D 165 11.40 -8.51 -13.47
N TYR D 166 11.24 -9.69 -14.04
CA TYR D 166 11.24 -10.94 -13.29
C TYR D 166 12.62 -11.18 -12.66
N SER D 167 13.67 -11.06 -13.46
CA SER D 167 15.04 -11.24 -13.00
C SER D 167 15.37 -10.29 -11.86
N ALA D 168 14.98 -9.04 -12.02
CA ALA D 168 15.22 -8.03 -10.99
C ALA D 168 14.66 -8.48 -9.66
N SER D 169 13.42 -8.98 -9.68
CA SER D 169 12.78 -9.43 -8.44
C SER D 169 13.47 -10.66 -7.86
N LYS D 170 13.94 -11.56 -8.72
CA LYS D 170 14.62 -12.76 -8.23
C LYS D 170 15.99 -12.40 -7.65
N PHE D 171 16.72 -11.52 -8.34
CA PHE D 171 18.04 -11.10 -7.85
C PHE D 171 17.85 -10.45 -6.46
N ALA D 172 16.81 -9.64 -6.32
CA ALA D 172 16.54 -8.97 -5.04
C ALA D 172 16.34 -9.96 -3.90
N LEU D 173 15.70 -11.08 -4.19
CA LEU D 173 15.46 -12.10 -3.17
C LEU D 173 16.80 -12.65 -2.67
N ASP D 174 17.75 -12.83 -3.58
CA ASP D 174 19.08 -13.34 -3.22
C ASP D 174 19.77 -12.35 -2.29
N GLY D 175 19.86 -11.10 -2.72
CA GLY D 175 20.50 -10.09 -1.91
C GLY D 175 19.86 -9.92 -0.55
N PHE D 176 18.54 -9.87 -0.49
CA PHE D 176 17.86 -9.70 0.78
C PHE D 176 18.02 -10.88 1.74
N PHE D 177 17.59 -12.05 1.30
CA PHE D 177 17.65 -13.25 2.13
C PHE D 177 19.07 -13.73 2.46
N SER D 178 20.02 -13.52 1.55
CA SER D 178 21.40 -13.94 1.84
C SER D 178 22.01 -13.01 2.90
N SER D 179 21.61 -11.75 2.88
CA SER D 179 22.10 -10.78 3.85
C SER D 179 21.49 -11.09 5.22
N ILE D 180 20.21 -11.38 5.23
CA ILE D 180 19.47 -11.72 6.44
C ILE D 180 20.03 -13.00 7.09
N ARG D 181 20.42 -13.96 6.25
CA ARG D 181 20.98 -15.21 6.74
C ARG D 181 22.22 -14.93 7.59
N LYS D 182 23.03 -13.97 7.14
CA LYS D 182 24.24 -13.61 7.88
C LYS D 182 23.90 -12.94 9.21
N GLU D 183 22.82 -12.14 9.22
CA GLU D 183 22.41 -11.46 10.45
C GLU D 183 21.90 -12.49 11.45
N TYR D 184 21.09 -13.42 10.98
CA TYR D 184 20.53 -14.47 11.83
C TYR D 184 21.63 -15.31 12.49
N SER D 185 22.70 -15.55 11.76
CA SER D 185 23.81 -16.35 12.27
C SER D 185 24.51 -15.68 13.45
N VAL D 186 24.69 -14.37 13.36
CA VAL D 186 25.34 -13.62 14.43
C VAL D 186 24.39 -13.38 15.60
N SER D 187 23.13 -13.09 15.29
CA SER D 187 22.13 -12.83 16.32
C SER D 187 21.50 -14.12 16.81
N ARG D 188 22.09 -15.24 16.42
CA ARG D 188 21.62 -16.56 16.81
C ARG D 188 20.12 -16.84 16.64
N VAL D 189 19.60 -16.53 15.46
CA VAL D 189 18.20 -16.80 15.13
C VAL D 189 18.29 -18.11 14.34
N ASN D 190 17.89 -19.21 14.96
CA ASN D 190 17.97 -20.53 14.34
C ASN D 190 16.89 -20.86 13.30
N VAL D 191 16.76 -20.02 12.28
CA VAL D 191 15.80 -20.27 11.20
C VAL D 191 16.61 -20.36 9.92
N SER D 192 16.55 -21.51 9.25
CA SER D 192 17.31 -21.68 8.01
C SER D 192 16.62 -21.05 6.81
N ILE D 193 17.43 -20.62 5.86
CA ILE D 193 16.92 -19.99 4.65
C ILE D 193 17.49 -20.74 3.46
N THR D 194 16.61 -21.29 2.64
CA THR D 194 17.01 -22.05 1.47
C THR D 194 16.60 -21.35 0.17
N LEU D 195 17.58 -20.96 -0.63
CA LEU D 195 17.31 -20.30 -1.90
C LEU D 195 17.36 -21.36 -2.99
N CYS D 196 16.27 -21.49 -3.73
CA CYS D 196 16.19 -22.48 -4.79
C CYS D 196 16.32 -21.89 -6.19
N VAL D 197 17.40 -22.24 -6.88
CA VAL D 197 17.67 -21.74 -8.21
C VAL D 197 17.24 -22.79 -9.23
N LEU D 198 16.09 -22.54 -9.85
CA LEU D 198 15.52 -23.46 -10.81
C LEU D 198 15.67 -23.08 -12.28
N GLY D 199 15.91 -24.09 -13.11
CA GLY D 199 16.01 -23.87 -14.54
C GLY D 199 14.59 -23.99 -15.06
N LEU D 200 14.41 -24.14 -16.37
CA LEU D 200 13.08 -24.24 -16.96
C LEU D 200 12.34 -25.50 -16.51
N ILE D 201 11.13 -25.31 -15.99
CA ILE D 201 10.31 -26.42 -15.52
C ILE D 201 9.03 -26.49 -16.35
N ASP D 202 8.56 -27.71 -16.61
CA ASP D 202 7.38 -27.93 -17.45
C ASP D 202 6.00 -27.60 -16.87
N THR D 203 5.87 -26.48 -16.17
CA THR D 203 4.56 -26.13 -15.65
C THR D 203 3.73 -25.61 -16.83
N GLU D 204 2.42 -25.75 -16.74
CA GLU D 204 1.53 -25.31 -17.81
C GLU D 204 1.75 -23.84 -18.18
N THR D 205 1.87 -22.97 -17.18
CA THR D 205 2.07 -21.55 -17.45
C THR D 205 3.41 -21.26 -18.11
N ALA D 206 4.47 -21.86 -17.61
CA ALA D 206 5.80 -21.64 -18.17
C ALA D 206 5.89 -22.05 -19.62
N MET D 207 5.29 -23.19 -19.95
CA MET D 207 5.33 -23.69 -21.31
C MET D 207 4.54 -22.80 -22.27
N LYS D 208 3.55 -22.11 -21.72
CA LYS D 208 2.72 -21.22 -22.52
C LYS D 208 3.45 -19.88 -22.70
N ALA D 209 4.07 -19.40 -21.63
CA ALA D 209 4.79 -18.13 -21.65
C ALA D 209 6.03 -18.16 -22.54
N VAL D 210 6.65 -19.33 -22.65
CA VAL D 210 7.84 -19.50 -23.48
C VAL D 210 7.42 -19.75 -24.93
N SER D 211 7.64 -20.98 -25.39
CA SER D 211 7.30 -21.40 -26.76
C SER D 211 7.57 -20.34 -27.82
N GLY D 212 8.76 -20.41 -28.42
CA GLY D 212 9.13 -19.46 -29.45
C GLY D 212 10.19 -18.48 -28.98
N ILE D 213 10.72 -18.69 -27.79
CA ILE D 213 11.75 -17.81 -27.25
C ILE D 213 12.84 -18.61 -26.53
N VAL D 214 12.53 -19.08 -25.32
CA VAL D 214 13.49 -19.85 -24.53
C VAL D 214 13.51 -21.31 -24.99
N HIS D 215 14.42 -21.63 -25.91
CA HIS D 215 14.54 -22.98 -26.45
C HIS D 215 15.44 -23.86 -25.59
N MET D 216 14.84 -24.47 -24.58
CA MET D 216 15.55 -25.35 -23.67
C MET D 216 14.61 -26.49 -23.31
N GLN D 217 15.18 -27.61 -22.86
CA GLN D 217 14.35 -28.72 -22.44
C GLN D 217 13.82 -28.31 -21.07
N ALA D 218 12.60 -28.73 -20.75
CA ALA D 218 12.02 -28.39 -19.46
C ALA D 218 12.15 -29.57 -18.51
N ALA D 219 12.51 -29.29 -17.26
CA ALA D 219 12.65 -30.33 -16.26
C ALA D 219 11.26 -30.66 -15.70
N PRO D 220 11.05 -31.90 -15.23
CA PRO D 220 9.79 -32.38 -14.67
C PRO D 220 9.39 -31.63 -13.40
N LYS D 221 8.16 -31.12 -13.35
CA LYS D 221 7.71 -30.37 -12.18
C LYS D 221 7.60 -31.24 -10.92
N GLU D 222 7.30 -32.52 -11.09
CA GLU D 222 7.17 -33.42 -9.95
C GLU D 222 8.49 -33.53 -9.20
N GLU D 223 9.55 -33.79 -9.93
CA GLU D 223 10.87 -33.94 -9.34
C GLU D 223 11.39 -32.60 -8.84
N CYS D 224 11.06 -31.53 -9.54
CA CYS D 224 11.50 -30.20 -9.12
C CYS D 224 11.01 -29.91 -7.71
N ALA D 225 9.72 -30.14 -7.48
CA ALA D 225 9.08 -29.91 -6.19
C ALA D 225 9.70 -30.72 -5.05
N LEU D 226 10.11 -31.95 -5.35
CA LEU D 226 10.71 -32.81 -4.35
C LEU D 226 12.08 -32.26 -3.92
N GLU D 227 12.90 -31.89 -4.89
CA GLU D 227 14.23 -31.35 -4.60
C GLU D 227 14.14 -30.11 -3.72
N ILE D 228 13.13 -29.28 -3.96
CA ILE D 228 12.95 -28.07 -3.16
C ILE D 228 12.63 -28.47 -1.73
N ILE D 229 11.71 -29.43 -1.56
CA ILE D 229 11.34 -29.90 -0.24
C ILE D 229 12.57 -30.50 0.47
N LYS D 230 13.34 -31.31 -0.24
CA LYS D 230 14.54 -31.92 0.32
C LYS D 230 15.52 -30.88 0.85
N GLY D 231 15.79 -29.87 0.02
CA GLY D 231 16.71 -28.83 0.41
C GLY D 231 16.28 -28.10 1.67
N GLY D 232 14.99 -27.75 1.75
CA GLY D 232 14.51 -27.05 2.92
C GLY D 232 14.59 -27.95 4.14
N ALA D 233 14.19 -29.21 3.96
CA ALA D 233 14.22 -30.18 5.04
C ALA D 233 15.63 -30.35 5.61
N LEU D 234 16.63 -30.33 4.75
CA LEU D 234 18.02 -30.49 5.17
C LEU D 234 18.68 -29.17 5.55
N ARG D 235 17.92 -28.08 5.48
CA ARG D 235 18.40 -26.76 5.83
C ARG D 235 19.58 -26.31 4.97
N GLN D 236 19.57 -26.71 3.70
CA GLN D 236 20.64 -26.31 2.78
C GLN D 236 20.42 -24.85 2.44
N GLU D 237 21.51 -24.10 2.26
CA GLU D 237 21.40 -22.69 1.94
C GLU D 237 20.96 -22.45 0.50
N GLU D 238 21.28 -23.39 -0.39
CA GLU D 238 20.87 -23.25 -1.78
C GLU D 238 20.63 -24.58 -2.46
N VAL D 239 19.60 -24.61 -3.31
CA VAL D 239 19.27 -25.79 -4.09
C VAL D 239 19.38 -25.36 -5.55
N TYR D 240 19.89 -26.26 -6.38
CA TYR D 240 20.05 -25.98 -7.80
C TYR D 240 19.39 -27.13 -8.56
N TYR D 241 18.45 -26.81 -9.43
CA TYR D 241 17.77 -27.85 -10.20
C TYR D 241 17.51 -27.40 -11.64
N ASP D 242 18.16 -28.05 -12.59
CA ASP D 242 18.02 -27.71 -14.01
C ASP D 242 18.20 -28.97 -14.85
N SER D 243 17.63 -28.95 -16.05
CA SER D 243 17.73 -30.09 -16.95
C SER D 243 19.15 -30.26 -17.49
N SER D 244 19.86 -29.14 -17.64
CA SER D 244 21.22 -29.15 -18.17
C SER D 244 22.28 -29.39 -17.11
N LEU D 245 23.06 -30.46 -17.29
CA LEU D 245 24.13 -30.79 -16.35
C LEU D 245 25.24 -29.76 -16.37
N TRP D 246 25.43 -29.12 -17.52
CA TRP D 246 26.47 -28.12 -17.68
C TRP D 246 26.05 -26.81 -17.04
N THR D 247 24.77 -26.47 -17.16
CA THR D 247 24.26 -25.25 -16.55
C THR D 247 24.46 -25.30 -15.05
N THR D 248 24.12 -26.44 -14.45
CA THR D 248 24.26 -26.61 -13.01
C THR D 248 25.73 -26.61 -12.59
N LEU D 249 26.60 -26.89 -13.54
CA LEU D 249 28.03 -26.93 -13.26
C LEU D 249 28.63 -25.52 -13.23
N LEU D 250 28.07 -24.61 -14.03
CA LEU D 250 28.55 -23.23 -14.09
C LEU D 250 27.75 -22.27 -13.24
N ILE D 251 26.58 -22.70 -12.77
CA ILE D 251 25.72 -21.81 -11.99
C ILE D 251 26.30 -21.36 -10.64
N ARG D 252 27.12 -22.18 -10.01
CA ARG D 252 27.71 -21.81 -8.73
C ARG D 252 28.81 -20.76 -8.86
N ASN D 253 28.99 -19.98 -7.81
CA ASN D 253 29.98 -18.91 -7.80
C ASN D 253 30.93 -19.00 -6.61
N PRO D 254 32.02 -19.77 -6.76
CA PRO D 254 33.02 -19.93 -5.69
C PRO D 254 33.60 -18.59 -5.22
N SER D 255 33.82 -17.67 -6.15
CA SER D 255 34.38 -16.37 -5.81
C SER D 255 33.55 -15.63 -4.76
N ARG D 256 32.23 -15.66 -4.91
CA ARG D 256 31.37 -14.99 -3.95
C ARG D 256 31.49 -15.64 -2.58
N LYS D 257 31.53 -16.97 -2.56
CA LYS D 257 31.66 -17.72 -1.32
C LYS D 257 32.93 -17.30 -0.58
N ILE D 258 34.04 -17.28 -1.31
CA ILE D 258 35.32 -16.93 -0.71
C ILE D 258 35.33 -15.48 -0.22
N LEU D 259 34.79 -14.57 -1.02
CA LEU D 259 34.78 -13.18 -0.62
C LEU D 259 33.94 -12.95 0.65
N GLU D 260 32.79 -13.60 0.75
CA GLU D 260 31.95 -13.42 1.93
C GLU D 260 32.67 -13.95 3.18
N PHE D 261 33.46 -15.00 3.01
CA PHE D 261 34.21 -15.56 4.11
C PHE D 261 35.24 -14.54 4.57
N LEU D 262 35.94 -13.95 3.61
CA LEU D 262 36.96 -12.95 3.91
C LEU D 262 36.36 -11.69 4.53
N TYR D 263 35.10 -11.42 4.22
CA TYR D 263 34.40 -10.25 4.76
C TYR D 263 33.79 -10.54 6.12
N SER D 264 33.58 -11.82 6.44
CA SER D 264 32.96 -12.21 7.70
C SER D 264 33.57 -11.65 8.98
N THR D 265 34.78 -11.11 8.88
CA THR D 265 35.45 -10.52 10.05
C THR D 265 35.62 -9.01 9.89
N SER D 266 34.99 -8.44 8.87
CA SER D 266 35.08 -7.02 8.59
C SER D 266 34.06 -6.15 9.31
N TYR D 267 33.13 -6.77 10.02
CA TYR D 267 32.11 -6.01 10.73
C TYR D 267 32.03 -6.32 12.22
N ASN D 268 31.40 -5.43 12.97
CA ASN D 268 31.24 -5.57 14.41
C ASN D 268 29.77 -5.37 14.77
C1 ZMG E . -28.40 19.89 3.19
C2 ZMG E . -29.27 18.97 3.83
C3 ZMG E . -29.18 17.59 3.53
C4 ZMG E . -28.21 17.16 2.62
C5 ZMG E . -27.34 18.05 1.97
C6 ZMG E . -27.43 19.45 2.26
N7 ZMG E . -26.44 17.60 1.05
C8 ZMG E . -26.72 17.46 -0.25
S9 ZMG E . -28.31 17.72 -0.94
C10 ZMG E . -27.75 17.24 -2.58
C11 ZMG E . -26.25 16.95 -2.45
N12 ZMG E . -25.81 17.10 -1.17
F13 ZMG E . -28.08 15.86 2.35
O14 ZMG E . -25.56 16.63 -3.42
C15 ZMG E . -28.47 16.04 -3.24
C16 ZMG E . -28.43 14.74 -2.45
C17 ZMG E . -29.92 16.39 -3.55
PA NDP F . -23.91 17.68 -9.99
O1A NDP F . -24.56 18.93 -10.51
O2A NDP F . -24.78 16.49 -10.18
O5B NDP F . -22.55 17.44 -10.68
C5B NDP F . -21.91 16.21 -10.40
C4B NDP F . -20.72 16.03 -11.31
O4B NDP F . -20.18 14.75 -11.10
C3B NDP F . -21.12 16.14 -12.81
O3B NDP F . -20.12 16.99 -13.42
C2B NDP F . -21.12 14.69 -13.27
O2B NDP F . -20.74 14.62 -14.65
C1B NDP F . -20.04 14.07 -12.33
N9A NDP F . -20.22 12.62 -12.14
C8A NDP F . -21.33 11.90 -11.86
N7A NDP F . -21.10 10.60 -11.79
C5A NDP F . -19.76 10.41 -12.03
C6A NDP F . -18.86 9.35 -12.17
N6A NDP F . -19.21 8.08 -11.94
C2A NDP F . -17.07 10.80 -12.70
N3A NDP F . -17.88 11.88 -12.56
C4A NDP F . -19.21 11.71 -12.25
O3 NDP F . -23.56 17.84 -8.45
PN NDP F . -23.49 19.11 -7.50
O1N NDP F . -24.82 19.42 -6.95
O2N NDP F . -22.90 20.27 -8.20
O5D NDP F . -22.54 18.59 -6.31
C5D NDP F . -21.12 18.72 -6.40
C4D NDP F . -20.51 18.55 -4.97
O4D NDP F . -21.21 19.40 -4.09
C3D NDP F . -20.65 17.10 -4.46
O3D NDP F . -19.38 16.65 -3.92
C2D NDP F . -21.78 17.25 -3.44
O2D NDP F . -21.78 16.15 -2.53
C1D NDP F . -21.65 18.71 -2.96
N1N NDP F . -22.91 19.23 -2.43
C2N NDP F . -23.94 19.61 -3.24
C3N NDP F . -25.12 20.15 -2.69
C7N NDP F . -26.26 20.61 -3.47
O7N NDP F . -27.30 20.98 -2.90
N7N NDP F . -26.15 20.62 -4.81
C4N NDP F . -25.20 20.28 -1.30
C5N NDP F . -24.15 19.88 -0.47
C6N NDP F . -23.01 19.37 -1.10
P2B NDP F . -21.08 13.35 -15.52
O1X NDP F . -20.04 12.25 -15.22
O2X NDP F . -20.96 13.82 -16.98
O3X NDP F . -22.51 12.86 -15.19
C1 ZMG G . -8.35 5.53 21.12
C2 ZMG G . -7.46 6.28 20.32
C3 ZMG G . -7.32 5.98 18.95
C4 ZMG G . -8.08 4.94 18.40
C5 ZMG G . -8.98 4.18 19.17
C6 ZMG G . -9.12 4.48 20.56
N7 ZMG G . -9.71 3.19 18.60
C8 ZMG G . -9.26 1.93 18.43
S9 ZMG G . -7.65 1.42 18.90
C10 ZMG G . -7.94 -0.24 18.22
C11 ZMG G . -9.41 -0.28 17.77
N12 ZMG G . -9.97 0.94 17.88
F13 ZMG G . -7.98 4.68 17.08
O14 ZMG G . -9.96 -1.29 17.37
C15 ZMG G . -7.04 -0.64 17.03
C16 ZMG G . -7.10 0.30 15.82
C17 ZMG G . -5.57 -0.78 17.51
PA NDP H . -10.16 -8.00 18.36
O1A NDP H . -9.83 -8.43 19.74
O2A NDP H . -8.96 -7.92 17.49
O5B NDP H . -11.26 -8.94 17.79
C5B NDP H . -11.60 -8.74 16.43
C4B NDP H . -12.56 -9.85 16.03
O4B NDP H . -12.90 -9.67 14.66
C3B NDP H . -11.95 -11.26 16.19
O3B NDP H . -13.07 -12.02 16.72
C2B NDP H . -11.58 -11.60 14.77
O2B NDP H . -11.63 -13.01 14.66
C1B NDP H . -12.70 -10.88 13.96
N9A NDP H . -12.34 -10.56 12.58
C8A NDP H . -11.23 -9.99 12.09
N7A NDP H . -11.19 -9.92 10.75
C5A NDP H . -12.35 -10.51 10.32
C6A NDP H . -12.94 -10.84 9.12
N6A NDP H . -12.32 -10.56 7.96
C2A NDP H . -14.84 -11.79 10.19
N3A NDP H . -14.31 -11.52 11.42
C4A NDP H . -13.09 -10.90 11.49
O3 NDP H . -10.82 -6.56 18.37
PN NDP H . -11.33 -5.66 19.57
O1N NDP H . -10.20 -4.88 20.15
O2N NDP H . -12.02 -6.47 20.60
O5D NDP H . -12.37 -4.69 18.84
C5D NDP H . -13.75 -4.97 18.90
C4D NDP H . -14.54 -3.75 18.41
O4D NDP H . -14.26 -2.73 19.33
C3D NDP H . -14.19 -3.23 16.98
O3D NDP H . -15.40 -2.86 16.27
C2D NDP H . -13.32 -2.03 17.34
O2D NDP H . -13.14 -1.08 16.29
C1D NDP H . -13.90 -1.56 18.68
N1N NDP H . -12.92 -0.83 19.50
C2N NDP H . -11.89 -1.45 20.14
C3N NDP H . -10.96 -0.69 20.89
C7N NDP H . -9.79 -1.27 21.56
O7N NDP H . -8.92 -0.56 22.07
N7N NDP H . -9.74 -2.61 21.61
C4N NDP H . -11.13 0.69 20.98
C5N NDP H . -12.21 1.33 20.35
C6N NDP H . -13.07 0.51 19.61
P2B NDP H . -10.87 -13.79 13.53
O1X NDP H . -11.68 -13.60 12.24
O2X NDP H . -10.85 -15.26 13.98
O3X NDP H . -9.43 -13.26 13.36
C1 ZMG I . 31.22 -2.25 1.18
C2 ZMG I . 30.64 -3.05 2.19
C3 ZMG I . 29.26 -2.97 2.49
C4 ZMG I . 28.48 -2.08 1.73
C5 ZMG I . 29.04 -1.30 0.71
C6 ZMG I . 30.43 -1.35 0.43
N7 ZMG I . 28.23 -0.48 0.00
C8 ZMG I . 27.90 0.72 0.44
S9 ZMG I . 28.46 1.37 1.99
C10 ZMG I . 27.43 2.80 1.76
C11 ZMG I . 26.87 2.72 0.33
N12 ZMG I . 27.13 1.54 -0.23
F13 ZMG I . 27.19 -1.92 1.98
O14 ZMG I . 26.28 3.65 -0.21
C15 ZMG I . 26.22 2.92 2.73
C16 ZMG I . 25.22 1.79 2.66
C17 ZMG I . 26.72 3.17 4.15
PA NDP J . 25.86 10.47 -0.78
O1A NDP J . 27.14 11.16 -0.53
O2A NDP J . 25.11 10.21 0.49
O5B NDP J . 25.03 11.32 -1.79
C5B NDP J . 23.79 10.79 -2.24
C4B NDP J . 23.16 11.75 -3.24
O4B NDP J . 21.83 11.32 -3.44
C3B NDP J . 23.09 13.19 -2.70
O3B NDP J . 23.20 14.03 -3.88
C2B NDP J . 21.68 13.31 -2.14
O2B NDP J . 21.34 14.70 -2.19
C1B NDP J . 20.93 12.38 -3.16
N9A NDP J . 19.66 11.82 -2.68
C8A NDP J . 19.34 11.31 -1.47
N7A NDP J . 18.02 11.04 -1.31
C5A NDP J . 17.44 11.38 -2.52
C6A NDP J . 16.15 11.39 -3.07
N6A NDP J . 15.09 10.95 -2.40
C2A NDP J . 16.92 12.30 -5.13
N3A NDP J . 18.22 12.32 -4.67
C4A NDP J . 18.48 11.87 -3.37
O3 NDP J . 26.09 9.07 -1.53
PN NDP J . 27.39 8.36 -2.03
O1N NDP J . 28.13 7.76 -0.87
O2N NDP J . 28.21 9.33 -2.80
O5D NDP J . 26.88 7.19 -2.96
C5D NDP J . 26.51 7.45 -4.31
C4D NDP J . 26.39 6.10 -5.03
O4D NDP J . 27.48 5.29 -4.73
C3D NDP J . 25.10 5.37 -4.60
O3D NDP J . 24.45 4.65 -5.69
C2D NDP J . 25.70 4.25 -3.70
O2D NDP J . 25.01 2.99 -3.54
C1D NDP J . 27.09 4.03 -4.30
N1N NDP J . 28.11 3.50 -3.38
C2N NDP J . 28.71 4.25 -2.40
C3N NDP J . 29.68 3.67 -1.52
C7N NDP J . 30.33 4.38 -0.41
O7N NDP J . 31.08 3.80 0.37
N7N NDP J . 30.08 5.70 -0.32
C4N NDP J . 30.03 2.33 -1.68
C5N NDP J . 29.40 1.55 -2.68
C6N NDP J . 28.45 2.20 -3.50
P2B NDP J . 20.04 15.27 -1.47
O1X NDP J . 18.82 14.73 -2.20
O2X NDP J . 20.10 16.81 -1.56
O3X NDP J . 20.07 14.79 0.00
C1 ZMG K . 15.60 -20.47 -17.33
C2 ZMG K . 15.92 -19.39 -18.18
C3 ZMG K . 15.29 -18.13 -18.02
C4 ZMG K . 14.35 -17.97 -16.96
C5 ZMG K . 14.02 -19.05 -16.10
C6 ZMG K . 14.64 -20.30 -16.30
N7 ZMG K . 13.10 -18.90 -15.09
C8 ZMG K . 11.77 -18.90 -15.29
S9 ZMG K . 11.04 -19.39 -16.80
C10 ZMG K . 9.36 -19.13 -16.15
C11 ZMG K . 9.55 -18.78 -14.66
N12 ZMG K . 10.86 -18.67 -14.32
F13 ZMG K . 13.80 -16.77 -16.79
O14 ZMG K . 8.62 -18.61 -13.88
C15 ZMG K . 8.56 -17.99 -16.83
C16 ZMG K . 9.16 -16.59 -16.64
C17 ZMG K . 8.35 -18.28 -18.31
PA NDP L . 2.56 -21.10 -11.88
O1A NDP L . 2.31 -22.45 -12.41
O2A NDP L . 2.11 -20.02 -12.83
O5B NDP L . 1.93 -20.91 -10.48
C5B NDP L . 1.88 -19.60 -9.95
C4B NDP L . 1.07 -19.64 -8.63
O4B NDP L . 1.08 -18.34 -8.03
C3B NDP L . -0.40 -20.05 -8.86
O3B NDP L . -0.85 -20.81 -7.71
C2B NDP L . -1.07 -18.71 -8.90
O2B NDP L . -2.45 -18.91 -8.59
C1B NDP L . -0.28 -17.94 -7.83
N9A NDP L . -0.35 -16.50 -8.02
C8A NDP L . -0.29 -15.76 -9.14
N7A NDP L . -0.47 -14.45 -8.96
C5A NDP L . -0.68 -14.30 -7.59
C6A NDP L . -0.96 -13.26 -6.72
N6A NDP L . -1.15 -11.98 -7.13
C2A NDP L . -0.99 -14.73 -4.85
N3A NDP L . -0.73 -15.80 -5.66
C4A NDP L . -0.58 -15.60 -7.01
O3 NDP L . 4.12 -20.89 -11.60
PN NDP L . 5.29 -21.95 -11.59
O1N NDP L . 5.74 -22.17 -13.03
O2N NDP L . 4.90 -23.21 -10.97
O5D NDP L . 6.47 -21.24 -10.77
C5D NDP L . 6.50 -21.34 -9.36
C4D NDP L . 7.83 -20.82 -8.82
O4D NDP L . 8.87 -21.46 -9.55
C3D NDP L . 7.93 -19.29 -9.01
O3D NDP L . 8.57 -18.70 -7.84
C2D NDP L . 8.86 -19.20 -10.23
O2D NDP L . 9.71 -18.04 -10.22
C1D NDP L . 9.72 -20.46 -10.07
N1N NDP L . 10.31 -20.94 -11.32
C2N NDP L . 9.58 -21.58 -12.29
C3N NDP L . 10.20 -22.01 -13.48
C7N NDP L . 9.47 -22.66 -14.58
O7N NDP L . 10.01 -22.89 -15.66
N7N NDP L . 8.18 -22.99 -14.34
C4N NDP L . 11.57 -21.78 -13.65
C5N NDP L . 12.30 -21.10 -12.66
C6N NDP L . 11.63 -20.71 -11.50
P2B NDP L . -3.55 -17.80 -8.81
O1X NDP L . -3.34 -16.66 -7.76
O2X NDP L . -4.89 -18.53 -8.53
O3X NDP L . -3.50 -17.27 -10.24
#